data_9IJ1
#
_entry.id   9IJ1
#
_cell.length_a   1.00
_cell.length_b   1.00
_cell.length_c   1.00
_cell.angle_alpha   90.00
_cell.angle_beta   90.00
_cell.angle_gamma   90.00
#
_symmetry.space_group_name_H-M   'P 1'
#
loop_
_entity.id
_entity.type
_entity.pdbx_description
1 polymer 'Piwi-like protein 2'
2 polymer 'RNA (26-MER)'
3 polymer "RNA (5'-R(P*CP*AP*AP*GP*UP*UP*UP*CP*CP*AP*UP*GP*UP*UP*GP*AP*UP*GP*GP*UP*A)-3')"
4 non-polymer 'MAGNESIUM ION'
#
loop_
_entity_poly.entity_id
_entity_poly.type
_entity_poly.pdbx_seq_one_letter_code
_entity_poly.pdbx_strand_id
1 'polypeptide(L)'
;MDPVRPLFRGPTPVHPSQCVRMPGCWPQAPRPLEPAWGRAGPAGRGLVFRKPEDSSPPLQPVQKDSVGLVSMFRGMGLDT
AFRPPSKREVPPLGRGVLGRGLSANMVRKDREEPRSSLPDPSVLAAGDSKLAEASVGWSRMLGRGSSEVSLLPLGRAASS
IGRGMDKPPSAFGLTARDPPRLPQPPALSPTSLHSADPPPVLTMERKEKELLVKQGSKGTPQSLGLNLIKIQCHNEAVYQ
YHVTFSPSVECKSMRFGMLKDHQSVTGNVTAFDGSILYLPVKLQQVVELKSQRKTDDAEISIKIQLTKILEPCSDLCIPF
YNVVFRRVMKLLDMKLVGRNFYDPTSAMVLQQHRLQIWPGYAASIRRTDGGLFLLADVSHKVIRNDSVLDVMHAIYQQNK
EHFQDECSKLLVGSIVITRYNNRTYRIDDVDWNKTPKDSFVMSDGKEITFLEYYSKNYGITVKEDDQPLLIHRPSERQNN
HGMLLKGEILLLPELSFMTGIPEKMKKDFRAMKDLTQQINLSPKQHHGALECLLQRISQNETASNELTRWGLSLHKDVHK
IEGRLLPMERINLRNTSFVTSEDLNWVKEVTRDASILTIPMHFWALFYPKRAMDQARELVNMLEKIAGPIGMRISPPAWV
ELKDDRIETYIRTIQSLLGVEGKIQMVVCIIMGTRDDLYGAIKKLCCVQSPVPSQVINVRTIGQPTRLRSVAQKILLQMN
CKLGGELWGVDIPLKQLMVIGMDVYHDPSRGMRSVVGFVASINLTLTKWYSRVVFQMPHQEIVDSLKLCLVGSLKKYYEV
NHCLPEKIVVYRDGVSDGQLKTVANYEIPQLQKCFEAFDNYHPKMVVFVVQKKISTNLYLAAPDHFVTPSPGTVVDHTIT
SCEWVDFYLLAHHVRQGCGIPTHYICVLNTANLSPDHMQRLTFKLCHMYWNWPGTIRVPAPCKYAHKLAFLSGQILHHEP
AIQLCGNLFFL
;
A
2 'polyribonucleotide' UUACCAUCAACAUGGAAACUUGGCU(OMC) B
3 'polyribonucleotide' CAAGUUUCCAUGUUGAUGGUA C
#
loop_
_chem_comp.id
_chem_comp.type
_chem_comp.name
_chem_comp.formula
A RNA linking ADENOSINE-5'-MONOPHOSPHATE 'C10 H14 N5 O7 P'
C RNA linking CYTIDINE-5'-MONOPHOSPHATE 'C9 H14 N3 O8 P'
G RNA linking GUANOSINE-5'-MONOPHOSPHATE 'C10 H14 N5 O8 P'
MG non-polymer 'MAGNESIUM ION' 'Mg 2'
OMC RNA linking O2'-METHYLYCYTIDINE-5'-MONOPHOSPHATE 'C10 H16 N3 O8 P'
U RNA linking URIDINE-5'-MONOPHOSPHATE 'C9 H13 N2 O9 P'
#
# COMPACT_ATOMS: atom_id res chain seq x y z
N LYS A 209 -7.39 14.39 -25.07
CA LYS A 209 -6.44 14.92 -24.10
C LYS A 209 -6.10 16.38 -24.40
N GLU A 210 -6.76 17.29 -23.69
CA GLU A 210 -6.52 18.71 -23.88
C GLU A 210 -5.19 19.13 -23.27
N LEU A 211 -4.63 20.22 -23.81
CA LEU A 211 -3.39 20.79 -23.29
C LEU A 211 -3.73 21.68 -22.09
N LEU A 212 -3.48 21.18 -20.89
CA LEU A 212 -3.85 21.86 -19.66
C LEU A 212 -2.62 22.41 -18.97
N VAL A 213 -2.62 23.70 -18.68
CA VAL A 213 -1.52 24.34 -17.97
C VAL A 213 -1.65 24.02 -16.48
N LYS A 214 -0.59 23.47 -15.90
CA LYS A 214 -0.63 22.97 -14.52
C LYS A 214 0.21 23.78 -13.55
N GLN A 215 1.23 24.50 -14.03
CA GLN A 215 2.16 25.17 -13.14
C GLN A 215 1.53 26.40 -12.48
N GLY A 216 1.89 26.63 -11.22
CA GLY A 216 1.44 27.78 -10.48
C GLY A 216 2.51 28.87 -10.43
N SER A 217 2.22 29.90 -9.64
CA SER A 217 3.10 31.05 -9.50
C SER A 217 3.62 31.25 -8.09
N LYS A 218 2.74 31.21 -7.09
CA LYS A 218 3.14 31.49 -5.72
C LYS A 218 3.83 30.28 -5.11
N GLY A 219 5.04 30.47 -4.63
CA GLY A 219 5.81 29.42 -3.98
C GLY A 219 7.29 29.55 -4.26
N THR A 220 8.09 28.85 -3.45
CA THR A 220 9.54 28.84 -3.61
C THR A 220 9.93 27.58 -4.36
N PRO A 221 10.60 27.69 -5.50
CA PRO A 221 10.93 26.49 -6.29
C PRO A 221 12.04 25.65 -5.65
N GLN A 222 12.02 24.36 -5.98
CA GLN A 222 13.01 23.41 -5.50
C GLN A 222 13.59 22.60 -6.66
N SER A 223 14.37 21.56 -6.35
CA SER A 223 14.94 20.69 -7.36
C SER A 223 14.82 19.24 -6.88
N LEU A 224 14.30 18.37 -7.75
CA LEU A 224 14.09 16.97 -7.41
C LEU A 224 15.01 16.10 -8.28
N GLY A 225 14.83 14.78 -8.21
CA GLY A 225 15.82 13.92 -8.83
C GLY A 225 15.46 12.63 -9.55
N LEU A 226 14.28 12.49 -10.15
CA LEU A 226 13.98 11.20 -10.80
C LEU A 226 13.05 11.38 -12.01
N ASN A 227 13.64 11.53 -13.20
CA ASN A 227 12.92 11.37 -14.46
C ASN A 227 13.52 10.28 -15.35
N LEU A 228 14.81 10.39 -15.67
CA LEU A 228 15.74 9.39 -16.21
C LEU A 228 15.62 9.09 -17.72
N ILE A 229 14.61 9.58 -18.44
CA ILE A 229 14.49 9.33 -19.89
C ILE A 229 13.91 10.54 -20.62
N LYS A 230 14.49 10.85 -21.79
CA LYS A 230 13.83 11.63 -22.85
C LYS A 230 14.18 11.02 -24.20
N ILE A 231 13.16 10.63 -24.98
CA ILE A 231 13.34 9.96 -26.27
C ILE A 231 12.70 10.80 -27.37
N GLN A 232 13.30 10.76 -28.55
CA GLN A 232 12.71 11.29 -29.78
C GLN A 232 11.93 10.19 -30.52
N CYS A 233 10.78 10.56 -31.07
CA CYS A 233 9.87 9.64 -31.75
C CYS A 233 10.19 9.63 -33.24
N HIS A 234 10.58 8.45 -33.75
CA HIS A 234 11.06 8.33 -35.13
C HIS A 234 10.38 7.24 -35.94
N ASN A 235 10.05 6.10 -35.34
CA ASN A 235 9.63 4.93 -36.10
C ASN A 235 8.18 5.06 -36.55
N GLU A 236 7.94 4.87 -37.85
CA GLU A 236 6.62 5.10 -38.43
C GLU A 236 5.63 3.99 -38.11
N ALA A 237 6.09 2.79 -37.76
CA ALA A 237 5.23 1.65 -37.53
C ALA A 237 6.03 0.56 -36.82
N VAL A 238 5.44 -0.06 -35.81
CA VAL A 238 6.02 -1.24 -35.17
C VAL A 238 5.04 -2.40 -35.32
N TYR A 239 5.55 -3.57 -35.69
CA TYR A 239 4.69 -4.69 -36.09
C TYR A 239 4.65 -5.73 -34.99
N GLN A 240 3.44 -6.00 -34.47
CA GLN A 240 3.24 -6.90 -33.34
C GLN A 240 2.71 -8.24 -33.84
N TYR A 241 3.30 -9.33 -33.36
CA TYR A 241 2.90 -10.67 -33.71
C TYR A 241 2.59 -11.43 -32.43
N HIS A 242 1.50 -12.21 -32.45
CA HIS A 242 1.21 -13.13 -31.35
C HIS A 242 1.54 -14.53 -31.81
N VAL A 243 2.32 -15.25 -31.00
CA VAL A 243 2.98 -16.47 -31.42
C VAL A 243 2.41 -17.62 -30.59
N THR A 244 1.99 -18.67 -31.27
CA THR A 244 1.48 -19.88 -30.61
C THR A 244 2.55 -20.96 -30.73
N PHE A 245 3.16 -21.32 -29.59
CA PHE A 245 4.15 -22.39 -29.58
C PHE A 245 3.40 -23.71 -29.51
N SER A 246 3.39 -24.47 -30.61
CA SER A 246 2.76 -25.78 -30.63
C SER A 246 3.82 -26.85 -30.81
N PRO A 247 4.04 -27.76 -29.85
CA PRO A 247 3.35 -27.94 -28.56
C PRO A 247 3.73 -26.89 -27.51
N SER A 248 2.99 -26.85 -26.40
CA SER A 248 3.12 -25.77 -25.45
C SER A 248 4.36 -25.93 -24.58
N VAL A 249 5.22 -24.91 -24.59
CA VAL A 249 6.27 -24.72 -23.61
C VAL A 249 5.92 -23.48 -22.80
N GLU A 250 6.08 -23.56 -21.48
CA GLU A 250 5.53 -22.53 -20.61
C GLU A 250 6.59 -21.56 -20.09
N CYS A 251 7.83 -22.01 -19.97
CA CYS A 251 8.87 -21.15 -19.42
C CYS A 251 9.35 -20.13 -20.45
N LYS A 252 9.77 -18.98 -19.93
CA LYS A 252 10.34 -17.93 -20.77
C LYS A 252 11.68 -18.33 -21.38
N SER A 253 12.38 -19.31 -20.78
CA SER A 253 13.75 -19.62 -21.18
C SER A 253 13.81 -20.20 -22.60
N MET A 254 13.00 -21.22 -22.88
CA MET A 254 12.99 -21.76 -24.24
C MET A 254 12.30 -20.80 -25.20
N ARG A 255 11.30 -20.06 -24.72
CA ARG A 255 10.63 -19.08 -25.58
C ARG A 255 11.55 -17.92 -25.95
N PHE A 256 12.66 -17.73 -25.22
CA PHE A 256 13.73 -16.85 -25.69
C PHE A 256 14.74 -17.61 -26.55
N GLY A 257 15.06 -18.85 -26.16
CA GLY A 257 16.17 -19.56 -26.79
C GLY A 257 15.88 -20.01 -28.21
N MET A 258 14.74 -20.69 -28.42
CA MET A 258 14.42 -21.11 -29.78
C MET A 258 13.97 -19.96 -30.67
N LEU A 259 13.58 -18.83 -30.09
CA LEU A 259 13.38 -17.65 -30.92
C LEU A 259 14.70 -17.01 -31.31
N LYS A 260 15.70 -17.08 -30.42
CA LYS A 260 17.05 -16.64 -30.74
C LYS A 260 17.75 -17.59 -31.70
N ASP A 261 17.29 -18.84 -31.79
CA ASP A 261 17.87 -19.81 -32.71
C ASP A 261 17.51 -19.56 -34.16
N HIS A 262 16.59 -18.63 -34.45
CA HIS A 262 16.08 -18.41 -35.80
C HIS A 262 16.11 -16.94 -36.17
N GLN A 263 17.26 -16.29 -35.94
CA GLN A 263 17.43 -14.91 -36.36
C GLN A 263 17.68 -14.77 -37.86
N SER A 264 17.85 -15.90 -38.58
CA SER A 264 17.85 -15.83 -40.04
C SER A 264 16.48 -15.41 -40.56
N VAL A 265 15.42 -15.90 -39.92
CA VAL A 265 14.05 -15.55 -40.31
C VAL A 265 13.55 -14.34 -39.54
N THR A 266 13.68 -14.36 -38.22
CA THR A 266 13.15 -13.26 -37.40
C THR A 266 13.99 -12.01 -37.50
N GLY A 267 15.31 -12.13 -37.42
CA GLY A 267 16.16 -10.96 -37.37
C GLY A 267 16.75 -10.74 -35.99
N ASN A 268 17.85 -9.99 -35.95
CA ASN A 268 18.53 -9.76 -34.69
C ASN A 268 17.79 -8.78 -33.79
N VAL A 269 16.93 -7.94 -34.36
CA VAL A 269 16.17 -6.96 -33.59
C VAL A 269 14.88 -7.64 -33.14
N THR A 270 14.86 -8.09 -31.89
CA THR A 270 13.76 -8.88 -31.36
C THR A 270 13.32 -8.36 -30.00
N ALA A 271 12.03 -8.51 -29.71
CA ALA A 271 11.48 -8.16 -28.41
C ALA A 271 10.33 -9.13 -28.14
N PHE A 272 10.52 -10.04 -27.19
CA PHE A 272 9.59 -11.12 -26.91
C PHE A 272 9.43 -11.25 -25.42
N ASP A 273 8.18 -11.35 -24.96
CA ASP A 273 7.88 -11.38 -23.53
C ASP A 273 7.24 -12.68 -23.08
N GLY A 274 7.32 -13.73 -23.90
CA GLY A 274 6.70 -15.01 -23.60
C GLY A 274 5.70 -15.45 -24.64
N SER A 275 4.89 -14.52 -25.17
CA SER A 275 3.95 -14.86 -26.21
C SER A 275 3.85 -13.84 -27.34
N ILE A 276 4.36 -12.62 -27.18
CA ILE A 276 4.19 -11.54 -28.15
C ILE A 276 5.56 -11.10 -28.64
N LEU A 277 5.76 -11.11 -29.95
CA LEU A 277 7.00 -10.68 -30.58
C LEU A 277 6.79 -9.35 -31.28
N TYR A 278 7.82 -8.51 -31.29
CA TYR A 278 7.74 -7.21 -31.93
C TYR A 278 8.87 -7.04 -32.93
N LEU A 279 8.53 -6.55 -34.11
CA LEU A 279 9.47 -6.34 -35.20
C LEU A 279 9.40 -4.90 -35.68
N PRO A 280 10.48 -4.38 -36.27
CA PRO A 280 10.38 -3.09 -36.96
C PRO A 280 10.16 -3.23 -38.46
N VAL A 281 10.26 -4.44 -39.00
CA VAL A 281 10.16 -4.70 -40.44
C VAL A 281 9.07 -5.72 -40.68
N LYS A 282 8.13 -5.39 -41.59
CA LYS A 282 6.96 -6.23 -41.81
C LYS A 282 7.30 -7.43 -42.67
N LEU A 283 6.89 -8.61 -42.20
CA LEU A 283 7.00 -9.86 -42.96
C LEU A 283 5.70 -10.09 -43.72
N GLN A 284 5.50 -11.32 -44.20
CA GLN A 284 4.22 -11.70 -44.79
C GLN A 284 3.17 -11.91 -43.69
N GLN A 285 1.96 -12.33 -44.10
CA GLN A 285 0.82 -12.39 -43.19
C GLN A 285 1.03 -13.45 -42.12
N VAL A 286 1.43 -14.66 -42.51
CA VAL A 286 1.72 -15.74 -41.56
C VAL A 286 3.02 -16.42 -41.98
N VAL A 287 3.97 -16.51 -41.05
CA VAL A 287 5.20 -17.26 -41.28
C VAL A 287 5.23 -18.44 -40.31
N GLU A 288 5.57 -19.61 -40.83
CA GLU A 288 5.58 -20.87 -40.10
C GLU A 288 7.01 -21.38 -39.98
N LEU A 289 7.40 -21.82 -38.79
CA LEU A 289 8.78 -22.17 -38.51
C LEU A 289 8.85 -23.44 -37.66
N LYS A 290 9.84 -24.27 -37.93
CA LYS A 290 10.05 -25.56 -37.29
C LYS A 290 11.24 -25.45 -36.35
N SER A 291 11.09 -25.97 -35.13
CA SER A 291 12.20 -26.02 -34.19
C SER A 291 12.18 -27.36 -33.46
N GLN A 292 13.37 -27.76 -32.98
CA GLN A 292 13.60 -29.03 -32.30
C GLN A 292 14.12 -28.78 -30.90
N ARG A 293 13.49 -29.41 -29.91
CA ARG A 293 13.82 -29.15 -28.51
C ARG A 293 15.15 -29.78 -28.13
N LYS A 294 15.92 -29.05 -27.31
CA LYS A 294 17.24 -29.50 -26.89
C LYS A 294 17.20 -30.67 -25.90
N THR A 295 16.03 -31.03 -25.38
CA THR A 295 15.94 -32.12 -24.41
C THR A 295 15.18 -33.33 -24.94
N ASP A 296 13.94 -33.16 -25.39
CA ASP A 296 13.13 -34.30 -25.82
C ASP A 296 12.88 -34.32 -27.33
N ASP A 297 13.49 -33.40 -28.08
CA ASP A 297 13.42 -33.32 -29.55
C ASP A 297 11.99 -33.17 -30.05
N ALA A 298 11.36 -32.08 -29.62
CA ALA A 298 9.95 -31.86 -29.93
C ALA A 298 9.79 -31.13 -31.27
N GLU A 299 8.57 -31.15 -31.77
CA GLU A 299 8.22 -30.53 -33.05
C GLU A 299 7.57 -29.16 -32.81
N ILE A 300 8.37 -28.22 -32.30
CA ILE A 300 7.80 -26.93 -31.91
C ILE A 300 7.55 -26.09 -33.17
N SER A 301 6.30 -25.68 -33.34
CA SER A 301 5.85 -25.00 -34.56
C SER A 301 5.56 -23.54 -34.21
N ILE A 302 6.50 -22.67 -34.49
CA ILE A 302 6.31 -21.24 -34.25
C ILE A 302 5.51 -20.66 -35.40
N LYS A 303 4.43 -19.96 -35.08
CA LYS A 303 3.59 -19.29 -36.07
C LYS A 303 3.55 -17.81 -35.71
N ILE A 304 4.04 -16.96 -36.60
CA ILE A 304 3.98 -15.52 -36.40
C ILE A 304 2.99 -14.93 -37.40
N GLN A 305 1.94 -14.31 -36.86
CA GLN A 305 0.95 -13.59 -37.65
C GLN A 305 0.92 -12.15 -37.16
N LEU A 306 1.01 -11.19 -38.08
CA LEU A 306 0.95 -9.79 -37.71
C LEU A 306 -0.47 -9.44 -37.25
N THR A 307 -0.57 -8.76 -36.11
CA THR A 307 -1.86 -8.43 -35.52
C THR A 307 -2.07 -6.93 -35.35
N LYS A 308 -1.03 -6.18 -35.00
CA LYS A 308 -1.18 -4.76 -34.74
C LYS A 308 -0.04 -4.00 -35.38
N ILE A 309 -0.37 -2.85 -35.96
CA ILE A 309 0.59 -1.89 -36.48
C ILE A 309 0.59 -0.70 -35.52
N LEU A 310 1.58 -0.67 -34.63
CA LEU A 310 1.65 0.34 -33.59
C LEU A 310 2.16 1.67 -34.16
N GLU A 311 1.36 2.72 -33.93
CA GLU A 311 1.67 4.08 -34.31
C GLU A 311 2.77 4.64 -33.40
N PRO A 312 3.60 5.56 -33.92
CA PRO A 312 4.61 6.22 -33.06
C PRO A 312 4.06 6.97 -31.86
N CYS A 313 2.83 7.47 -31.93
CA CYS A 313 2.28 8.23 -30.82
C CYS A 313 1.06 7.53 -30.21
N SER A 314 1.16 6.24 -30.01
CA SER A 314 0.10 5.44 -29.40
C SER A 314 0.54 4.94 -28.03
N ASP A 315 -0.42 4.87 -27.10
CA ASP A 315 -0.14 4.43 -25.74
C ASP A 315 0.02 2.91 -25.63
N LEU A 316 -0.22 2.17 -26.71
CA LEU A 316 -0.02 0.73 -26.73
C LEU A 316 1.45 0.36 -26.88
N CYS A 317 2.31 1.33 -27.19
CA CYS A 317 3.74 1.06 -27.28
C CYS A 317 4.39 0.89 -25.91
N ILE A 318 3.70 1.28 -24.83
CA ILE A 318 4.29 1.16 -23.49
C ILE A 318 4.60 -0.28 -23.09
N PRO A 319 3.74 -1.30 -23.36
CA PRO A 319 4.20 -2.69 -23.14
C PRO A 319 5.47 -3.11 -23.86
N PHE A 320 5.68 -2.72 -25.12
CA PHE A 320 6.88 -3.22 -25.76
C PHE A 320 8.09 -2.31 -25.56
N TYR A 321 7.90 -1.00 -25.32
CA TYR A 321 9.00 -0.21 -24.74
C TYR A 321 9.39 -0.67 -23.35
N ASN A 322 8.49 -1.33 -22.62
CA ASN A 322 8.89 -1.86 -21.32
C ASN A 322 9.55 -3.22 -21.43
N VAL A 323 9.08 -4.09 -22.33
CA VAL A 323 9.76 -5.38 -22.47
C VAL A 323 11.08 -5.24 -23.21
N VAL A 324 11.29 -4.19 -24.01
CA VAL A 324 12.63 -4.01 -24.56
C VAL A 324 13.60 -3.55 -23.46
N PHE A 325 13.12 -2.80 -22.46
CA PHE A 325 13.97 -2.42 -21.34
C PHE A 325 14.24 -3.59 -20.41
N ARG A 326 13.26 -4.47 -20.22
CA ARG A 326 13.49 -5.71 -19.50
C ARG A 326 14.46 -6.63 -20.23
N ARG A 327 14.38 -6.71 -21.55
CA ARG A 327 15.39 -7.44 -22.31
C ARG A 327 16.75 -6.74 -22.29
N VAL A 328 16.77 -5.42 -22.08
CA VAL A 328 18.02 -4.70 -21.94
C VAL A 328 18.71 -5.07 -20.63
N MET A 329 17.97 -5.05 -19.52
CA MET A 329 18.59 -5.28 -18.23
C MET A 329 18.51 -6.73 -17.79
N LYS A 330 18.06 -7.63 -18.65
CA LYS A 330 18.32 -9.04 -18.46
C LYS A 330 19.72 -9.45 -18.92
N LEU A 331 20.42 -8.58 -19.65
CA LEU A 331 21.78 -8.86 -20.09
C LEU A 331 22.83 -8.48 -19.06
N LEU A 332 22.46 -7.75 -18.01
CA LEU A 332 23.40 -7.32 -16.98
C LEU A 332 23.52 -8.33 -15.85
N ASP A 333 23.19 -9.60 -16.11
CA ASP A 333 23.14 -10.67 -15.11
C ASP A 333 22.24 -10.29 -13.93
N MET A 334 21.10 -9.66 -14.24
CA MET A 334 20.13 -9.27 -13.24
C MET A 334 18.96 -10.24 -13.26
N LYS A 335 18.59 -10.74 -12.10
CA LYS A 335 17.53 -11.73 -12.04
C LYS A 335 16.16 -11.07 -11.96
N LEU A 336 15.14 -11.83 -12.36
CA LEU A 336 13.75 -11.44 -12.17
C LEU A 336 13.17 -12.18 -10.98
N VAL A 337 12.57 -11.43 -10.06
CA VAL A 337 11.79 -12.02 -8.97
C VAL A 337 10.51 -11.21 -8.84
N GLY A 338 9.38 -11.91 -8.84
CA GLY A 338 8.08 -11.26 -8.70
C GLY A 338 7.77 -10.44 -9.93
N ARG A 339 7.94 -9.13 -9.79
CA ARG A 339 7.86 -8.21 -10.91
C ARG A 339 9.20 -7.61 -11.27
N ASN A 340 10.11 -7.45 -10.30
CA ASN A 340 11.24 -6.56 -10.45
C ASN A 340 12.52 -7.31 -10.81
N PHE A 341 13.56 -6.51 -11.06
CA PHE A 341 14.91 -6.97 -11.37
C PHE A 341 15.80 -6.73 -10.15
N TYR A 342 16.55 -7.76 -9.76
CA TYR A 342 17.40 -7.70 -8.60
C TYR A 342 18.82 -8.15 -8.94
N ASP A 343 19.79 -7.45 -8.35
CA ASP A 343 21.20 -7.65 -8.67
C ASP A 343 21.84 -8.61 -7.68
N PRO A 344 22.39 -9.73 -8.12
CA PRO A 344 23.06 -10.66 -7.19
C PRO A 344 24.53 -10.37 -6.94
N THR A 345 25.08 -9.29 -7.51
CA THR A 345 26.51 -9.00 -7.38
C THR A 345 26.84 -7.99 -6.30
N SER A 346 25.84 -7.51 -5.55
CA SER A 346 26.08 -6.59 -4.44
C SER A 346 25.22 -6.97 -3.24
N ALA A 347 25.05 -8.27 -3.03
CA ALA A 347 24.21 -8.81 -1.97
C ALA A 347 24.86 -8.65 -0.61
N MET A 348 24.07 -8.86 0.43
CA MET A 348 24.59 -9.12 1.77
C MET A 348 24.02 -10.44 2.26
N VAL A 349 24.89 -11.31 2.75
CA VAL A 349 24.50 -12.62 3.25
C VAL A 349 24.59 -12.60 4.77
N LEU A 350 23.47 -12.91 5.43
CA LEU A 350 23.40 -12.93 6.89
C LEU A 350 23.22 -14.37 7.33
N GLN A 351 24.26 -14.93 7.95
CA GLN A 351 24.24 -16.35 8.29
C GLN A 351 23.29 -16.65 9.46
N GLN A 352 23.35 -15.84 10.52
CA GLN A 352 22.52 -16.13 11.69
C GLN A 352 21.08 -15.72 11.43
N HIS A 353 20.85 -14.77 10.52
CA HIS A 353 19.50 -14.54 10.02
C HIS A 353 19.07 -15.60 9.02
N ARG A 354 20.01 -16.35 8.44
CA ARG A 354 19.78 -17.29 7.33
C ARG A 354 19.08 -16.60 6.16
N LEU A 355 19.78 -15.65 5.56
CA LEU A 355 19.12 -14.62 4.77
C LEU A 355 20.10 -14.06 3.77
N GLN A 356 19.57 -13.44 2.71
CA GLN A 356 20.41 -12.73 1.74
C GLN A 356 19.59 -11.62 1.11
N ILE A 357 20.12 -10.40 1.12
CA ILE A 357 19.40 -9.24 0.58
C ILE A 357 20.10 -8.75 -0.68
N TRP A 358 19.30 -8.45 -1.71
CA TRP A 358 19.75 -8.00 -3.01
C TRP A 358 19.34 -6.56 -3.23
N PRO A 359 20.26 -5.69 -3.68
CA PRO A 359 19.93 -4.27 -3.87
C PRO A 359 19.44 -3.96 -5.29
N GLY A 360 18.31 -4.54 -5.66
CA GLY A 360 17.82 -4.42 -7.01
C GLY A 360 17.05 -3.14 -7.26
N TYR A 361 16.48 -3.07 -8.46
CA TYR A 361 15.76 -1.89 -8.92
C TYR A 361 14.40 -2.31 -9.46
N ALA A 362 13.35 -1.62 -9.01
CA ALA A 362 12.02 -1.73 -9.60
C ALA A 362 11.88 -0.58 -10.59
N ALA A 363 12.07 -0.87 -11.87
CA ALA A 363 12.10 0.15 -12.90
C ALA A 363 10.96 -0.07 -13.90
N SER A 364 10.31 1.02 -14.29
CA SER A 364 9.12 0.94 -15.12
C SER A 364 9.06 2.14 -16.07
N ILE A 365 8.85 1.88 -17.35
CA ILE A 365 8.75 2.93 -18.36
C ILE A 365 7.28 3.30 -18.53
N ARG A 366 6.98 4.60 -18.43
CA ARG A 366 5.61 5.07 -18.54
C ARG A 366 5.55 6.43 -19.23
N ARG A 367 4.40 6.74 -19.81
CA ARG A 367 4.16 8.01 -20.46
C ARG A 367 3.65 9.03 -19.44
N THR A 368 4.00 10.30 -19.66
CA THR A 368 3.70 11.39 -18.75
C THR A 368 3.49 12.62 -19.64
N ASP A 369 2.88 13.67 -19.07
CA ASP A 369 2.73 14.94 -19.76
C ASP A 369 4.06 15.57 -20.15
N GLY A 370 5.15 15.23 -19.46
CA GLY A 370 6.47 15.66 -19.87
C GLY A 370 7.17 14.64 -20.75
N GLY A 371 6.39 13.84 -21.49
CA GLY A 371 6.96 12.87 -22.38
C GLY A 371 7.14 11.50 -21.74
N LEU A 372 8.04 10.73 -22.34
CA LEU A 372 8.30 9.38 -21.85
C LEU A 372 9.29 9.43 -20.70
N PHE A 373 9.08 8.56 -19.70
CA PHE A 373 9.96 8.52 -18.55
C PHE A 373 10.15 7.08 -18.09
N LEU A 374 11.14 6.87 -17.23
CA LEU A 374 11.39 5.59 -16.60
C LEU A 374 11.61 5.84 -15.11
N LEU A 375 10.67 5.35 -14.29
CA LEU A 375 10.74 5.55 -12.85
C LEU A 375 11.37 4.31 -12.23
N ALA A 376 12.44 4.52 -11.47
CA ALA A 376 13.19 3.43 -10.86
C ALA A 376 13.27 3.64 -9.35
N ASP A 377 12.81 2.65 -8.60
CA ASP A 377 12.89 2.65 -7.14
C ASP A 377 13.95 1.65 -6.72
N VAL A 378 14.82 2.05 -5.79
CA VAL A 378 15.88 1.15 -5.34
C VAL A 378 15.27 0.15 -4.36
N SER A 379 14.80 -0.97 -4.89
CA SER A 379 14.03 -1.94 -4.12
C SER A 379 14.95 -3.08 -3.70
N HIS A 380 15.24 -3.17 -2.41
CA HIS A 380 16.01 -4.27 -1.86
C HIS A 380 15.07 -5.44 -1.59
N LYS A 381 15.43 -6.61 -2.08
CA LYS A 381 14.63 -7.81 -1.92
C LYS A 381 15.34 -8.78 -0.99
N VAL A 382 14.61 -9.27 0.00
CA VAL A 382 15.12 -10.30 0.90
C VAL A 382 14.76 -11.67 0.33
N ILE A 383 15.77 -12.52 0.19
CA ILE A 383 15.66 -13.86 -0.37
C ILE A 383 16.28 -14.81 0.63
N ARG A 384 15.54 -15.85 1.00
CA ARG A 384 16.08 -16.89 1.86
C ARG A 384 16.79 -17.93 1.00
N ASN A 385 18.07 -18.16 1.30
CA ASN A 385 18.77 -19.29 0.70
C ASN A 385 18.17 -20.61 1.18
N ASP A 386 17.61 -20.61 2.39
CA ASP A 386 16.77 -21.72 2.84
C ASP A 386 15.50 -21.79 1.99
N SER A 387 15.25 -22.96 1.41
CA SER A 387 14.04 -23.21 0.66
C SER A 387 12.96 -23.71 1.64
N VAL A 388 11.82 -24.18 1.11
CA VAL A 388 10.91 -24.88 2.00
C VAL A 388 11.40 -26.29 2.24
N LEU A 389 12.21 -26.83 1.31
CA LEU A 389 12.75 -28.19 1.46
C LEU A 389 13.82 -28.23 2.53
N ASP A 390 14.74 -27.26 2.51
CA ASP A 390 15.82 -27.26 3.49
C ASP A 390 15.32 -26.86 4.88
N VAL A 391 14.27 -26.03 4.96
CA VAL A 391 13.73 -25.74 6.28
C VAL A 391 12.86 -26.90 6.75
N MET A 392 12.29 -27.68 5.81
CA MET A 392 11.65 -28.93 6.18
C MET A 392 12.65 -29.92 6.74
N HIS A 393 13.85 -29.97 6.13
CA HIS A 393 14.93 -30.79 6.66
C HIS A 393 15.38 -30.31 8.04
N ALA A 394 15.43 -28.99 8.24
CA ALA A 394 15.84 -28.43 9.53
C ALA A 394 14.82 -28.73 10.63
N ILE A 395 13.53 -28.61 10.33
CA ILE A 395 12.49 -28.94 11.30
C ILE A 395 12.47 -30.44 11.58
N TYR A 396 12.68 -31.26 10.54
CA TYR A 396 12.72 -32.71 10.71
C TYR A 396 13.93 -33.14 11.53
N GLN A 397 15.06 -32.44 11.39
CA GLN A 397 16.20 -32.69 12.26
C GLN A 397 15.91 -32.23 13.68
N GLN A 398 15.17 -31.12 13.84
CA GLN A 398 14.80 -30.66 15.17
C GLN A 398 13.71 -31.53 15.79
N ASN A 399 12.87 -32.15 14.96
CA ASN A 399 11.77 -32.99 15.47
C ASN A 399 11.54 -34.11 14.46
N LYS A 400 12.08 -35.30 14.75
CA LYS A 400 12.00 -36.42 13.83
C LYS A 400 10.62 -37.06 13.82
N GLU A 401 9.93 -37.10 14.95
CA GLU A 401 8.65 -37.78 15.04
C GLU A 401 7.45 -36.86 14.85
N HIS A 402 7.63 -35.55 14.95
CA HIS A 402 6.51 -34.62 15.07
C HIS A 402 6.79 -33.39 14.18
N PHE A 403 7.03 -33.66 12.90
CA PHE A 403 7.33 -32.60 11.94
C PHE A 403 6.14 -32.23 11.05
N GLN A 404 5.16 -33.11 10.88
CA GLN A 404 4.04 -32.84 9.99
C GLN A 404 3.16 -31.71 10.52
N ASP A 405 2.95 -31.66 11.84
CA ASP A 405 2.20 -30.56 12.43
C ASP A 405 2.94 -29.24 12.32
N GLU A 406 4.28 -29.25 12.45
CA GLU A 406 5.05 -28.02 12.29
C GLU A 406 5.04 -27.56 10.84
N CYS A 407 5.07 -28.49 9.89
CA CYS A 407 4.95 -28.13 8.49
C CYS A 407 3.59 -27.54 8.18
N SER A 408 2.52 -28.13 8.73
CA SER A 408 1.19 -27.59 8.53
C SER A 408 0.94 -26.31 9.33
N LYS A 409 1.79 -25.99 10.30
CA LYS A 409 1.65 -24.75 11.05
C LYS A 409 2.44 -23.59 10.45
N LEU A 410 3.67 -23.83 9.98
CA LEU A 410 4.49 -22.79 9.40
C LEU A 410 4.53 -22.83 7.88
N LEU A 411 3.70 -23.66 7.24
CA LEU A 411 3.64 -23.72 5.79
C LEU A 411 2.38 -23.11 5.23
N VAL A 412 1.20 -23.47 5.76
CA VAL A 412 -0.01 -22.75 5.40
C VAL A 412 0.03 -21.39 6.08
N GLY A 413 -0.51 -20.38 5.41
CA GLY A 413 -0.29 -19.00 5.80
C GLY A 413 1.02 -18.42 5.34
N SER A 414 2.03 -19.26 5.06
CA SER A 414 3.28 -18.84 4.47
C SER A 414 3.18 -18.95 2.96
N ILE A 415 3.92 -18.10 2.27
CA ILE A 415 3.79 -17.93 0.82
C ILE A 415 5.18 -18.06 0.20
N VAL A 416 5.29 -18.90 -0.83
CA VAL A 416 6.57 -19.23 -1.41
C VAL A 416 6.76 -18.48 -2.72
N ILE A 417 8.00 -18.50 -3.21
CA ILE A 417 8.34 -17.97 -4.53
C ILE A 417 9.01 -19.09 -5.30
N THR A 418 8.48 -19.42 -6.48
CA THR A 418 9.13 -20.37 -7.36
C THR A 418 9.85 -19.61 -8.46
N ARG A 419 11.07 -20.04 -8.77
CA ARG A 419 11.96 -19.28 -9.64
C ARG A 419 12.11 -19.87 -11.02
N TYR A 420 11.39 -20.95 -11.35
CA TYR A 420 11.41 -21.41 -12.73
C TYR A 420 10.56 -20.53 -13.65
N ASN A 421 9.58 -19.81 -13.08
CA ASN A 421 8.90 -18.73 -13.78
C ASN A 421 8.70 -17.53 -12.84
N ASN A 422 9.45 -17.51 -11.73
CA ASN A 422 9.55 -16.42 -10.74
C ASN A 422 8.21 -16.07 -10.09
N ARG A 423 7.23 -16.96 -10.18
CA ARG A 423 5.89 -16.68 -9.68
C ARG A 423 5.81 -16.78 -8.16
N THR A 424 5.00 -15.93 -7.56
CA THR A 424 4.77 -15.95 -6.12
C THR A 424 3.47 -16.71 -5.86
N TYR A 425 3.56 -17.77 -5.06
CA TYR A 425 2.46 -18.72 -4.91
C TYR A 425 2.09 -18.88 -3.45
N ARG A 426 0.79 -18.77 -3.17
CA ARG A 426 0.26 -18.91 -1.82
C ARG A 426 0.06 -20.39 -1.50
N ILE A 427 0.62 -20.83 -0.38
CA ILE A 427 0.45 -22.21 0.06
C ILE A 427 -0.90 -22.35 0.74
N ASP A 428 -1.69 -23.31 0.28
CA ASP A 428 -2.93 -23.68 0.96
C ASP A 428 -2.85 -25.02 1.66
N ASP A 429 -2.04 -25.96 1.15
CA ASP A 429 -1.84 -27.23 1.81
C ASP A 429 -0.50 -27.82 1.37
N VAL A 430 -0.06 -28.84 2.09
CA VAL A 430 1.13 -29.60 1.71
C VAL A 430 0.81 -31.08 1.86
N ASP A 431 1.12 -31.87 0.84
CA ASP A 431 0.83 -33.30 0.85
C ASP A 431 2.11 -34.09 0.68
N TRP A 432 2.23 -35.18 1.43
CA TRP A 432 3.41 -36.04 1.41
C TRP A 432 3.20 -37.31 0.61
N ASN A 433 1.95 -37.68 0.33
CA ASN A 433 1.65 -38.96 -0.31
C ASN A 433 1.79 -38.92 -1.82
N LYS A 434 2.02 -37.76 -2.42
CA LYS A 434 2.11 -37.64 -3.86
C LYS A 434 3.44 -37.01 -4.24
N THR A 435 4.17 -37.69 -5.13
CA THR A 435 5.48 -37.28 -5.60
C THR A 435 5.41 -37.02 -7.10
N PRO A 436 6.34 -36.22 -7.66
CA PRO A 436 6.33 -35.98 -9.11
C PRO A 436 6.65 -37.19 -9.99
N LYS A 437 6.93 -38.36 -9.42
CA LYS A 437 6.98 -39.57 -10.23
C LYS A 437 5.61 -39.88 -10.84
N ASP A 438 4.55 -39.56 -10.12
CA ASP A 438 3.21 -39.58 -10.69
C ASP A 438 3.05 -38.44 -11.71
N SER A 439 2.23 -38.69 -12.71
CA SER A 439 2.03 -37.76 -13.82
C SER A 439 0.73 -36.98 -13.62
N PHE A 440 0.40 -36.14 -14.59
CA PHE A 440 -0.86 -35.40 -14.61
C PHE A 440 -1.20 -35.08 -16.06
N VAL A 441 -2.24 -34.29 -16.26
CA VAL A 441 -2.63 -33.83 -17.59
C VAL A 441 -2.52 -32.31 -17.60
N MET A 442 -1.72 -31.79 -18.53
CA MET A 442 -1.51 -30.35 -18.64
C MET A 442 -2.52 -29.78 -19.64
N SER A 443 -2.28 -28.54 -20.09
CA SER A 443 -3.28 -27.75 -20.80
C SER A 443 -3.59 -28.28 -22.20
N ASP A 444 -2.69 -29.06 -22.81
CA ASP A 444 -2.94 -29.53 -24.17
C ASP A 444 -3.82 -30.77 -24.23
N GLY A 445 -4.22 -31.32 -23.08
CA GLY A 445 -5.02 -32.52 -23.04
C GLY A 445 -4.25 -33.82 -23.07
N LYS A 446 -2.92 -33.76 -23.05
CA LYS A 446 -2.09 -34.95 -23.09
C LYS A 446 -1.36 -35.13 -21.76
N GLU A 447 -1.21 -36.38 -21.36
CA GLU A 447 -0.58 -36.70 -20.09
C GLU A 447 0.92 -36.46 -20.13
N ILE A 448 1.43 -35.77 -19.12
CA ILE A 448 2.86 -35.54 -18.97
C ILE A 448 3.25 -35.81 -17.52
N THR A 449 4.45 -36.34 -17.32
CA THR A 449 5.01 -36.43 -15.98
C THR A 449 5.76 -35.14 -15.66
N PHE A 450 5.98 -34.92 -14.36
CA PHE A 450 6.44 -33.61 -13.92
C PHE A 450 7.92 -33.43 -14.21
N LEU A 451 8.69 -34.51 -14.19
CA LEU A 451 10.13 -34.44 -14.48
C LEU A 451 10.37 -34.10 -15.94
N GLU A 452 9.63 -34.74 -16.85
CA GLU A 452 9.70 -34.38 -18.25
C GLU A 452 9.13 -33.01 -18.51
N TYR A 453 8.16 -32.57 -17.70
CA TYR A 453 7.68 -31.19 -17.76
C TYR A 453 8.80 -30.21 -17.42
N TYR A 454 9.57 -30.52 -16.37
CA TYR A 454 10.75 -29.73 -16.03
C TYR A 454 11.76 -29.69 -17.17
N SER A 455 12.08 -30.85 -17.72
CA SER A 455 13.10 -30.95 -18.77
C SER A 455 12.63 -30.32 -20.09
N LYS A 456 11.32 -30.21 -20.30
CA LYS A 456 10.80 -29.63 -21.54
C LYS A 456 10.47 -28.15 -21.41
N ASN A 457 10.27 -27.63 -20.20
CA ASN A 457 9.98 -26.21 -20.05
C ASN A 457 11.10 -25.46 -19.37
N TYR A 458 11.45 -25.82 -18.14
CA TYR A 458 12.45 -25.02 -17.43
C TYR A 458 13.85 -25.60 -17.54
N GLY A 459 13.98 -26.91 -17.79
CA GLY A 459 15.28 -27.51 -17.96
C GLY A 459 16.07 -27.70 -16.68
N ILE A 460 15.46 -27.45 -15.52
CA ILE A 460 16.16 -27.51 -14.24
C ILE A 460 15.95 -28.93 -13.72
N THR A 461 16.97 -29.78 -13.93
CA THR A 461 16.95 -31.15 -13.45
C THR A 461 17.00 -31.18 -11.93
N VAL A 462 16.00 -31.82 -11.31
CA VAL A 462 15.92 -31.79 -9.85
C VAL A 462 16.96 -32.73 -9.25
N LYS A 463 17.27 -32.48 -7.97
CA LYS A 463 18.30 -33.25 -7.29
C LYS A 463 17.72 -34.49 -6.60
N GLU A 464 16.51 -34.40 -6.08
CA GLU A 464 15.87 -35.51 -5.40
C GLU A 464 14.41 -35.61 -5.84
N ASP A 465 13.85 -36.81 -5.74
CA ASP A 465 12.47 -37.06 -6.13
C ASP A 465 11.59 -37.59 -5.02
N ASP A 466 12.14 -37.84 -3.83
CA ASP A 466 11.37 -38.32 -2.69
C ASP A 466 10.80 -37.18 -1.86
N GLN A 467 10.98 -35.94 -2.29
CA GLN A 467 10.45 -34.78 -1.59
C GLN A 467 8.92 -34.74 -1.69
N PRO A 468 8.23 -34.07 -0.74
CA PRO A 468 6.76 -33.96 -0.84
C PRO A 468 6.29 -33.00 -1.92
N LEU A 469 5.01 -32.64 -1.90
CA LEU A 469 4.46 -31.71 -2.87
C LEU A 469 3.64 -30.66 -2.13
N LEU A 470 3.44 -29.50 -2.75
CA LEU A 470 2.68 -28.41 -2.18
C LEU A 470 1.45 -28.14 -3.03
N ILE A 471 0.30 -27.97 -2.37
CA ILE A 471 -0.98 -27.76 -3.02
C ILE A 471 -1.37 -26.29 -2.88
N HIS A 472 -1.61 -25.63 -4.00
CA HIS A 472 -2.12 -24.28 -4.04
C HIS A 472 -3.53 -24.32 -4.65
N ARG A 473 -4.51 -23.81 -3.90
CA ARG A 473 -5.89 -23.77 -4.36
C ARG A 473 -6.30 -22.32 -4.56
N PRO A 474 -6.57 -21.88 -5.80
CA PRO A 474 -6.91 -20.48 -6.03
C PRO A 474 -8.31 -20.10 -5.56
N SER A 475 -8.69 -18.85 -5.77
CA SER A 475 -9.99 -18.36 -5.34
C SER A 475 -11.10 -18.95 -6.21
N GLU A 476 -12.34 -18.76 -5.75
CA GLU A 476 -13.49 -19.31 -6.44
C GLU A 476 -13.75 -18.56 -7.74
N ARG A 477 -14.30 -19.29 -8.72
CA ARG A 477 -14.57 -18.73 -10.03
C ARG A 477 -15.72 -19.48 -10.73
N LYS A 486 -9.84 -22.07 -10.11
CA LYS A 486 -10.38 -23.39 -9.86
C LYS A 486 -9.33 -24.47 -10.07
N GLY A 487 -8.31 -24.16 -10.86
CA GLY A 487 -7.25 -25.12 -11.14
C GLY A 487 -6.25 -25.25 -10.01
N GLU A 488 -6.26 -26.41 -9.34
CA GLU A 488 -5.33 -26.66 -8.26
C GLU A 488 -3.92 -26.90 -8.80
N ILE A 489 -2.94 -26.21 -8.23
CA ILE A 489 -1.57 -26.25 -8.73
C ILE A 489 -0.68 -26.95 -7.73
N LEU A 490 0.33 -27.67 -8.25
CA LEU A 490 1.22 -28.49 -7.45
C LEU A 490 2.66 -28.02 -7.64
N LEU A 491 3.35 -27.76 -6.53
CA LEU A 491 4.68 -27.15 -6.54
C LEU A 491 5.67 -28.01 -5.78
N LEU A 492 6.86 -28.22 -6.37
CA LEU A 492 7.90 -28.97 -5.66
C LEU A 492 8.58 -28.09 -4.62
N PRO A 493 8.94 -28.64 -3.46
CA PRO A 493 9.77 -27.89 -2.51
C PRO A 493 11.15 -27.49 -2.99
N GLU A 494 11.77 -28.21 -3.92
CA GLU A 494 13.14 -27.89 -4.30
C GLU A 494 13.22 -26.59 -5.08
N LEU A 495 12.33 -26.41 -6.06
CA LEU A 495 12.31 -25.22 -6.88
C LEU A 495 11.58 -24.07 -6.22
N SER A 496 11.04 -24.27 -5.01
CA SER A 496 10.27 -23.26 -4.29
C SER A 496 11.06 -22.80 -3.07
N PHE A 497 11.19 -21.49 -2.92
CA PHE A 497 11.92 -20.88 -1.81
C PHE A 497 10.98 -20.08 -0.92
N MET A 498 11.44 -19.84 0.30
CA MET A 498 10.71 -19.06 1.30
C MET A 498 10.50 -17.61 0.88
N THR A 499 9.55 -16.98 1.58
CA THR A 499 9.64 -15.58 1.93
C THR A 499 10.76 -15.42 2.96
N GLY A 500 11.69 -14.52 2.68
CA GLY A 500 12.96 -14.56 3.38
C GLY A 500 13.07 -13.78 4.68
N ILE A 501 11.97 -13.27 5.21
CA ILE A 501 12.04 -12.52 6.46
C ILE A 501 11.45 -13.39 7.57
N PRO A 502 12.28 -13.88 8.49
CA PRO A 502 11.77 -14.71 9.60
C PRO A 502 11.30 -13.82 10.74
N GLU A 503 10.07 -14.06 11.21
CA GLU A 503 9.59 -13.35 12.38
C GLU A 503 10.19 -13.92 13.66
N LYS A 504 10.70 -15.15 13.63
CA LYS A 504 11.43 -15.72 14.76
C LYS A 504 12.84 -15.14 14.87
N MET A 505 13.42 -14.68 13.77
CA MET A 505 14.61 -13.83 13.80
C MET A 505 14.34 -12.52 14.50
N LYS A 506 13.13 -11.98 14.30
CA LYS A 506 12.83 -10.58 14.55
C LYS A 506 12.85 -10.21 16.03
N LYS A 507 12.54 -11.13 16.93
CA LYS A 507 12.30 -10.79 18.33
C LYS A 507 13.59 -10.51 19.10
N ASP A 508 14.34 -9.50 18.66
CA ASP A 508 15.57 -9.06 19.28
C ASP A 508 15.86 -7.65 18.79
N PHE A 509 16.77 -6.97 19.49
CA PHE A 509 17.09 -5.59 19.16
C PHE A 509 18.10 -5.46 18.02
N ARG A 510 18.67 -6.58 17.58
CA ARG A 510 19.75 -6.57 16.61
C ARG A 510 19.30 -6.93 15.19
N ALA A 511 18.00 -6.92 14.92
CA ALA A 511 17.52 -7.40 13.62
C ALA A 511 17.60 -6.33 12.53
N MET A 512 16.78 -5.28 12.64
CA MET A 512 16.87 -4.14 11.74
C MET A 512 18.14 -3.32 11.93
N LYS A 513 18.63 -3.19 13.17
CA LYS A 513 19.84 -2.41 13.39
C LYS A 513 21.09 -3.06 12.81
N ASP A 514 21.04 -4.34 12.44
CA ASP A 514 22.12 -4.97 11.70
C ASP A 514 21.78 -5.31 10.26
N LEU A 515 20.49 -5.32 9.88
CA LEU A 515 20.10 -5.60 8.51
C LEU A 515 19.79 -4.33 7.73
N THR A 516 18.84 -3.51 8.21
CA THR A 516 18.35 -2.36 7.48
C THR A 516 19.11 -1.09 7.83
N GLN A 517 20.35 -1.22 8.28
CA GLN A 517 21.24 -0.05 8.31
C GLN A 517 21.61 0.36 6.89
N GLN A 518 21.57 -0.59 5.94
CA GLN A 518 21.74 -0.28 4.53
C GLN A 518 20.43 -0.34 3.74
N ILE A 519 19.42 -1.05 4.24
CA ILE A 519 18.17 -1.19 3.49
C ILE A 519 17.31 0.06 3.66
N ASN A 520 17.36 0.68 4.84
CA ASN A 520 16.74 1.98 5.01
C ASN A 520 17.72 3.01 4.47
N LEU A 521 17.71 3.17 3.15
CA LEU A 521 18.75 3.93 2.46
C LEU A 521 18.57 5.43 2.67
N SER A 522 19.68 6.15 2.58
CA SER A 522 19.63 7.60 2.47
C SER A 522 19.22 7.98 1.05
N PRO A 523 18.72 9.20 0.84
CA PRO A 523 18.47 9.67 -0.55
C PRO A 523 19.71 9.67 -1.42
N LYS A 524 20.87 10.00 -0.85
CA LYS A 524 22.11 9.96 -1.62
C LYS A 524 22.49 8.53 -1.98
N GLN A 525 22.12 7.56 -1.15
CA GLN A 525 22.38 6.17 -1.48
C GLN A 525 21.45 5.68 -2.59
N HIS A 526 20.20 6.16 -2.61
CA HIS A 526 19.33 5.96 -3.76
C HIS A 526 19.92 6.52 -5.04
N HIS A 527 20.43 7.76 -4.97
CA HIS A 527 20.97 8.39 -6.17
C HIS A 527 22.26 7.72 -6.62
N GLY A 528 23.06 7.24 -5.67
CA GLY A 528 24.25 6.48 -6.02
C GLY A 528 23.95 5.14 -6.66
N ALA A 529 22.94 4.43 -6.13
CA ALA A 529 22.53 3.17 -6.75
C ALA A 529 21.96 3.39 -8.14
N LEU A 530 21.19 4.47 -8.33
CA LEU A 530 20.59 4.72 -9.63
C LEU A 530 21.64 5.18 -10.64
N GLU A 531 22.63 5.95 -10.19
CA GLU A 531 23.73 6.32 -11.07
C GLU A 531 24.62 5.13 -11.39
N CYS A 532 24.73 4.17 -10.46
CA CYS A 532 25.44 2.93 -10.76
C CYS A 532 24.69 2.11 -11.81
N LEU A 533 23.35 2.11 -11.74
CA LEU A 533 22.54 1.46 -12.77
C LEU A 533 22.73 2.13 -14.13
N LEU A 534 22.77 3.47 -14.15
CA LEU A 534 23.00 4.19 -15.40
C LEU A 534 24.41 3.93 -15.94
N GLN A 535 25.40 3.86 -15.05
CA GLN A 535 26.77 3.60 -15.45
C GLN A 535 26.93 2.19 -16.03
N ARG A 536 26.31 1.19 -15.41
CA ARG A 536 26.40 -0.16 -15.95
C ARG A 536 25.52 -0.34 -17.18
N ILE A 537 24.52 0.52 -17.38
CA ILE A 537 23.79 0.53 -18.64
C ILE A 537 24.68 1.10 -19.75
N SER A 538 25.35 2.23 -19.47
CA SER A 538 26.09 2.93 -20.52
C SER A 538 27.38 2.20 -20.88
N GLN A 539 28.03 1.57 -19.91
CA GLN A 539 29.32 0.94 -20.15
C GLN A 539 29.19 -0.49 -20.64
N ASN A 540 27.97 -0.98 -20.87
CA ASN A 540 27.75 -2.29 -21.47
C ASN A 540 27.29 -2.07 -22.91
N GLU A 541 28.07 -2.58 -23.86
CA GLU A 541 27.77 -2.36 -25.27
C GLU A 541 26.54 -3.15 -25.70
N THR A 542 26.43 -4.41 -25.26
CA THR A 542 25.34 -5.27 -25.69
C THR A 542 23.99 -4.80 -25.16
N ALA A 543 23.97 -4.08 -24.03
CA ALA A 543 22.77 -3.39 -23.60
C ALA A 543 22.53 -2.13 -24.42
N SER A 544 23.61 -1.52 -24.94
CA SER A 544 23.43 -0.29 -25.71
C SER A 544 22.85 -0.55 -27.09
N ASN A 545 23.24 -1.66 -27.74
CA ASN A 545 22.63 -1.98 -29.04
C ASN A 545 21.15 -2.34 -28.87
N GLU A 546 20.80 -3.02 -27.79
CA GLU A 546 19.40 -3.38 -27.56
C GLU A 546 18.51 -2.18 -27.24
N LEU A 547 19.10 -1.01 -26.97
CA LEU A 547 18.37 0.25 -26.93
C LEU A 547 18.43 1.03 -28.23
N THR A 548 19.58 0.99 -28.92
CA THR A 548 19.79 1.89 -30.05
C THR A 548 19.40 1.30 -31.41
N ARG A 549 19.14 0.00 -31.50
CA ARG A 549 18.52 -0.52 -32.73
C ARG A 549 17.09 -0.04 -32.87
N TRP A 550 16.36 0.03 -31.76
CA TRP A 550 15.03 0.61 -31.76
C TRP A 550 15.04 2.13 -31.63
N GLY A 551 16.22 2.72 -31.54
CA GLY A 551 16.35 4.17 -31.45
C GLY A 551 15.81 4.78 -30.18
N LEU A 552 16.05 4.13 -29.05
CA LEU A 552 15.64 4.64 -27.74
C LEU A 552 16.91 5.03 -26.99
N SER A 553 17.30 6.29 -27.12
CA SER A 553 18.54 6.79 -26.52
C SER A 553 18.25 7.21 -25.09
N LEU A 554 18.65 6.36 -24.14
CA LEU A 554 18.50 6.68 -22.73
C LEU A 554 19.46 7.80 -22.34
N HIS A 555 19.03 8.65 -21.42
CA HIS A 555 19.88 9.74 -20.96
C HIS A 555 20.96 9.19 -20.04
N LYS A 556 22.21 9.58 -20.29
CA LYS A 556 23.33 9.04 -19.53
C LYS A 556 23.43 9.64 -18.13
N ASP A 557 22.72 10.74 -17.87
CA ASP A 557 22.64 11.32 -16.54
C ASP A 557 21.18 11.36 -16.09
N VAL A 558 20.98 11.71 -14.83
CA VAL A 558 19.63 11.83 -14.31
C VAL A 558 18.97 13.10 -14.86
N HIS A 559 17.64 13.09 -14.90
CA HIS A 559 16.86 14.25 -15.29
C HIS A 559 16.03 14.68 -14.09
N LYS A 560 16.00 15.99 -13.84
CA LYS A 560 15.59 16.55 -12.56
C LYS A 560 14.28 17.32 -12.67
N ILE A 561 13.49 17.27 -11.59
CA ILE A 561 12.19 17.90 -11.54
C ILE A 561 12.34 19.19 -10.73
N GLU A 562 11.67 20.26 -11.18
CA GLU A 562 11.59 21.47 -10.38
C GLU A 562 10.64 21.25 -9.20
N GLY A 563 10.67 22.16 -8.23
CA GLY A 563 9.82 22.00 -7.08
C GLY A 563 8.95 23.21 -6.81
N ARG A 564 8.15 23.14 -5.74
CA ARG A 564 7.37 24.29 -5.27
C ARG A 564 7.04 24.07 -3.81
N LEU A 565 7.60 24.88 -2.92
CA LEU A 565 7.20 24.92 -1.52
C LEU A 565 6.14 26.00 -1.38
N LEU A 566 4.94 25.60 -0.96
CA LEU A 566 3.82 26.52 -0.85
C LEU A 566 4.05 27.51 0.29
N PRO A 567 3.43 28.70 0.21
CA PRO A 567 3.41 29.60 1.37
C PRO A 567 2.68 28.95 2.54
N MET A 568 3.43 28.63 3.60
CA MET A 568 2.96 27.68 4.59
C MET A 568 1.97 28.33 5.53
N GLU A 569 0.91 27.60 5.85
CA GLU A 569 -0.28 28.16 6.47
C GLU A 569 -0.08 28.41 7.96
N ARG A 570 -1.14 28.93 8.59
CA ARG A 570 -1.13 29.29 10.00
C ARG A 570 -1.99 28.33 10.81
N ILE A 571 -1.46 27.86 11.92
CA ILE A 571 -2.21 27.02 12.86
C ILE A 571 -2.74 27.91 13.98
N ASN A 572 -4.07 27.95 14.11
CA ASN A 572 -4.73 28.80 15.10
C ASN A 572 -5.15 27.95 16.29
N LEU A 573 -4.62 28.30 17.46
CA LEU A 573 -4.99 27.66 18.72
C LEU A 573 -6.10 28.46 19.40
N ARG A 574 -6.32 28.19 20.69
CA ARG A 574 -7.34 28.91 21.45
C ARG A 574 -6.98 30.38 21.62
N ASN A 575 -5.70 30.67 21.85
CA ASN A 575 -5.25 32.05 22.00
C ASN A 575 -4.09 32.39 21.08
N THR A 576 -3.19 31.44 20.83
CA THR A 576 -2.03 31.67 20.00
C THR A 576 -2.32 31.29 18.55
N SER A 577 -1.41 31.67 17.66
CA SER A 577 -1.55 31.41 16.23
C SER A 577 -0.14 31.38 15.62
N PHE A 578 0.36 30.18 15.36
CA PHE A 578 1.70 30.04 14.81
C PHE A 578 1.69 30.07 13.29
N VAL A 579 2.75 30.64 12.73
CA VAL A 579 3.15 30.34 11.37
C VAL A 579 3.96 29.05 11.41
N THR A 580 3.53 28.06 10.62
CA THR A 580 4.17 26.75 10.63
C THR A 580 5.60 26.82 10.11
N SER A 581 6.52 26.24 10.87
CA SER A 581 7.94 26.28 10.57
C SER A 581 8.29 25.14 9.60
N GLU A 582 9.59 24.89 9.42
CA GLU A 582 10.06 23.86 8.51
C GLU A 582 10.18 22.49 9.16
N ASP A 583 9.93 22.38 10.46
CA ASP A 583 10.12 21.11 11.16
C ASP A 583 8.83 20.37 11.47
N LEU A 584 7.71 21.08 11.65
CA LEU A 584 6.37 20.54 11.88
C LEU A 584 6.33 19.62 13.11
N ASN A 585 6.65 20.19 14.26
CA ASN A 585 6.69 19.40 15.50
C ASN A 585 6.37 20.30 16.68
N TRP A 586 5.24 20.02 17.34
CA TRP A 586 4.78 20.69 18.55
C TRP A 586 4.35 19.63 19.56
N VAL A 587 5.28 18.71 19.86
CA VAL A 587 4.99 17.48 20.60
C VAL A 587 4.47 17.77 22.00
N LYS A 588 5.18 18.63 22.75
CA LYS A 588 4.84 18.91 24.13
C LYS A 588 4.06 20.21 24.29
N GLU A 589 3.27 20.58 23.27
CA GLU A 589 2.29 21.65 23.43
C GLU A 589 1.01 21.16 24.10
N VAL A 590 0.88 19.86 24.33
CA VAL A 590 -0.24 19.30 25.07
C VAL A 590 -0.07 19.60 26.55
N THR A 591 -1.14 19.40 27.33
CA THR A 591 -1.23 19.72 28.75
C THR A 591 -0.91 21.20 29.01
N ARG A 592 -1.66 22.07 28.32
CA ARG A 592 -1.49 23.51 28.46
C ARG A 592 -2.72 24.17 29.09
N ASP A 593 -3.90 23.99 28.50
CA ASP A 593 -5.12 24.61 28.98
C ASP A 593 -6.29 23.68 28.74
N ALA A 594 -7.40 23.97 29.43
CA ALA A 594 -8.62 23.19 29.28
C ALA A 594 -9.25 23.45 27.91
N SER A 595 -9.69 22.38 27.25
CA SER A 595 -10.25 22.49 25.91
C SER A 595 -11.76 22.67 25.98
N ILE A 596 -12.29 23.54 25.12
CA ILE A 596 -13.72 23.85 25.13
C ILE A 596 -14.54 22.67 24.61
N LEU A 597 -14.06 22.02 23.55
CA LEU A 597 -14.79 20.90 22.94
C LEU A 597 -14.40 19.57 23.60
N THR A 598 -14.62 19.51 24.91
CA THR A 598 -14.36 18.32 25.70
C THR A 598 -15.49 18.12 26.71
N ILE A 599 -15.93 16.88 26.84
CA ILE A 599 -16.74 16.45 27.97
C ILE A 599 -15.77 15.98 29.05
N PRO A 600 -15.70 16.66 30.21
CA PRO A 600 -14.69 16.31 31.22
C PRO A 600 -14.97 14.97 31.88
N MET A 601 -14.16 13.97 31.55
CA MET A 601 -14.35 12.64 32.11
C MET A 601 -13.91 12.60 33.57
N HIS A 602 -14.53 11.70 34.33
CA HIS A 602 -14.20 11.54 35.74
C HIS A 602 -13.78 10.13 36.10
N PHE A 603 -14.55 9.11 35.69
CA PHE A 603 -14.36 7.76 36.17
C PHE A 603 -14.38 6.80 34.98
N TRP A 604 -13.55 5.76 35.07
CA TRP A 604 -13.49 4.75 34.02
C TRP A 604 -12.98 3.45 34.60
N ALA A 605 -13.49 2.33 34.09
CA ALA A 605 -13.18 1.02 34.64
C ALA A 605 -11.87 0.51 34.06
N LEU A 606 -10.97 0.05 34.92
CA LEU A 606 -9.71 -0.55 34.53
C LEU A 606 -9.67 -1.99 34.99
N PHE A 607 -9.47 -2.91 34.05
CA PHE A 607 -9.41 -4.34 34.30
C PHE A 607 -7.98 -4.83 34.12
N TYR A 608 -7.57 -5.79 34.95
CA TYR A 608 -6.29 -6.46 34.77
C TYR A 608 -6.41 -7.89 35.29
N PRO A 609 -5.74 -8.86 34.63
CA PRO A 609 -5.80 -10.25 35.10
C PRO A 609 -4.90 -10.53 36.28
N LYS A 610 -4.77 -11.81 36.63
CA LYS A 610 -4.04 -12.24 37.82
C LYS A 610 -2.54 -12.42 37.62
N ARG A 611 -1.92 -11.75 36.64
CA ARG A 611 -0.48 -11.87 36.43
C ARG A 611 0.26 -10.54 36.32
N ALA A 612 -0.42 -9.38 36.41
CA ALA A 612 0.25 -8.15 35.98
C ALA A 612 -0.08 -6.91 36.81
N MET A 613 -0.25 -7.07 38.15
CA MET A 613 -0.62 -5.96 39.05
C MET A 613 0.28 -4.74 38.89
N ASP A 614 1.57 -4.91 39.15
CA ASP A 614 2.52 -3.80 39.05
C ASP A 614 2.60 -3.24 37.64
N GLN A 615 2.30 -4.05 36.62
CA GLN A 615 2.26 -3.57 35.25
C GLN A 615 1.19 -2.51 35.08
N ALA A 616 0.00 -2.75 35.67
CA ALA A 616 -1.03 -1.71 35.70
C ALA A 616 -0.56 -0.50 36.50
N ARG A 617 0.20 -0.76 37.57
CA ARG A 617 0.78 0.33 38.36
C ARG A 617 1.90 1.05 37.63
N GLU A 618 2.36 0.54 36.49
CA GLU A 618 3.22 1.37 35.64
C GLU A 618 2.41 2.49 34.98
N LEU A 619 1.18 2.20 34.56
CA LEU A 619 0.48 3.15 33.71
C LEU A 619 -0.24 4.23 34.51
N VAL A 620 -1.26 3.82 35.29
CA VAL A 620 -2.25 4.75 35.81
C VAL A 620 -1.65 5.69 36.86
N ASN A 621 -0.68 5.20 37.65
CA ASN A 621 -0.02 6.02 38.66
C ASN A 621 0.80 7.15 38.04
N MET A 622 1.13 7.06 36.75
CA MET A 622 1.78 8.17 36.07
C MET A 622 0.74 9.08 35.41
N LEU A 623 -0.42 8.52 35.03
CA LEU A 623 -1.38 9.23 34.19
C LEU A 623 -2.03 10.39 34.93
N GLU A 624 -2.30 10.23 36.23
CA GLU A 624 -2.82 11.34 37.02
C GLU A 624 -1.81 12.49 37.11
N LYS A 625 -0.52 12.19 36.94
CA LYS A 625 0.50 13.21 36.86
C LYS A 625 0.31 14.13 35.66
N ILE A 626 -0.15 13.62 34.52
CA ILE A 626 -0.42 14.56 33.42
C ILE A 626 -1.81 15.15 33.52
N ALA A 627 -2.52 14.93 34.64
CA ALA A 627 -3.60 15.82 35.03
C ALA A 627 -3.07 17.03 35.79
N GLY A 628 -1.76 17.10 36.05
CA GLY A 628 -1.14 18.19 36.75
C GLY A 628 -1.21 19.53 36.06
N PRO A 629 -0.55 19.66 34.89
CA PRO A 629 -0.61 20.95 34.15
C PRO A 629 -1.99 21.32 33.64
N ILE A 630 -2.91 20.37 33.51
CA ILE A 630 -4.27 20.68 33.08
C ILE A 630 -5.16 21.04 34.28
N GLY A 631 -5.13 20.22 35.32
CA GLY A 631 -5.94 20.46 36.51
C GLY A 631 -7.43 20.33 36.31
N MET A 632 -7.87 19.38 35.48
CA MET A 632 -9.29 19.13 35.31
C MET A 632 -9.82 18.27 36.44
N ARG A 633 -11.15 18.11 36.47
CA ARG A 633 -11.82 17.32 37.49
C ARG A 633 -11.59 15.84 37.17
N ILE A 634 -10.50 15.30 37.71
CA ILE A 634 -10.11 13.92 37.45
C ILE A 634 -10.23 13.13 38.76
N SER A 635 -10.32 11.81 38.62
CA SER A 635 -10.45 10.89 39.73
C SER A 635 -9.81 9.57 39.33
N PRO A 636 -9.33 8.77 40.28
CA PRO A 636 -8.66 7.50 39.94
C PRO A 636 -9.64 6.50 39.33
N PRO A 637 -9.16 5.60 38.48
CA PRO A 637 -10.05 4.65 37.81
C PRO A 637 -10.59 3.59 38.75
N ALA A 638 -11.70 2.98 38.33
CA ALA A 638 -12.26 1.84 39.03
C ALA A 638 -11.37 0.62 38.82
N TRP A 639 -10.50 0.35 39.78
CA TRP A 639 -9.57 -0.76 39.71
C TRP A 639 -10.28 -2.08 39.96
N VAL A 640 -10.87 -2.67 38.93
CA VAL A 640 -11.63 -3.91 39.09
C VAL A 640 -10.79 -5.07 38.55
N GLU A 641 -10.52 -6.05 39.41
CA GLU A 641 -9.62 -7.13 39.06
C GLU A 641 -10.30 -8.15 38.16
N LEU A 642 -9.52 -9.10 37.66
CA LEU A 642 -10.04 -10.24 36.93
C LEU A 642 -9.50 -11.54 37.51
N LYS A 643 -10.42 -12.49 37.75
CA LYS A 643 -10.04 -13.81 38.25
C LYS A 643 -9.32 -14.67 37.20
N ASP A 644 -9.80 -14.66 35.95
CA ASP A 644 -9.26 -15.58 34.95
C ASP A 644 -9.37 -14.97 33.56
N ASP A 645 -8.26 -14.97 32.83
CA ASP A 645 -8.23 -14.47 31.45
C ASP A 645 -8.57 -15.54 30.42
N ARG A 646 -8.94 -16.74 30.86
CA ARG A 646 -9.28 -17.80 29.93
C ARG A 646 -10.65 -17.53 29.31
N ILE A 647 -10.67 -16.72 28.24
CA ILE A 647 -11.84 -16.38 27.42
C ILE A 647 -12.93 -15.68 28.23
N GLU A 648 -13.56 -16.41 29.15
CA GLU A 648 -14.77 -15.89 29.80
C GLU A 648 -14.42 -14.96 30.95
N THR A 649 -15.50 -14.40 31.55
CA THR A 649 -15.61 -13.49 32.70
C THR A 649 -15.15 -12.07 32.38
N TYR A 650 -14.38 -11.90 31.31
CA TYR A 650 -13.94 -10.57 30.91
C TYR A 650 -15.06 -9.89 30.14
N ILE A 651 -15.84 -10.69 29.41
CA ILE A 651 -17.11 -10.24 28.86
C ILE A 651 -18.05 -9.83 29.98
N ARG A 652 -18.12 -10.65 31.03
CA ARG A 652 -19.16 -10.51 32.05
C ARG A 652 -18.94 -9.29 32.94
N THR A 653 -17.67 -8.95 33.22
CA THR A 653 -17.36 -7.90 34.19
C THR A 653 -17.87 -6.52 33.76
N ILE A 654 -17.66 -6.15 32.48
CA ILE A 654 -17.88 -4.78 32.05
C ILE A 654 -19.38 -4.45 32.00
N GLN A 655 -20.19 -5.33 31.41
CA GLN A 655 -21.61 -5.00 31.40
C GLN A 655 -22.32 -5.56 32.62
N SER A 656 -21.61 -6.27 33.50
CA SER A 656 -22.12 -6.46 34.85
C SER A 656 -22.05 -5.16 35.63
N LEU A 657 -20.95 -4.41 35.47
CA LEU A 657 -20.86 -3.17 36.24
C LEU A 657 -21.61 -2.02 35.55
N LEU A 658 -21.10 -1.53 34.41
CA LEU A 658 -21.60 -0.37 33.67
C LEU A 658 -22.14 0.79 34.51
N GLY A 659 -21.46 1.14 35.60
CA GLY A 659 -22.13 1.91 36.63
C GLY A 659 -21.91 3.41 36.61
N VAL A 660 -21.31 3.94 37.67
CA VAL A 660 -21.12 5.38 37.81
C VAL A 660 -20.09 5.89 36.81
N GLU A 661 -19.16 5.04 36.39
CA GLU A 661 -18.15 5.44 35.43
C GLU A 661 -18.71 5.62 34.02
N GLY A 662 -19.85 5.00 33.70
CA GLY A 662 -20.30 4.84 32.32
C GLY A 662 -20.81 6.10 31.65
N LYS A 663 -20.66 7.28 32.28
CA LYS A 663 -21.07 8.52 31.63
C LYS A 663 -20.10 8.90 30.51
N ILE A 664 -18.85 9.15 30.86
CA ILE A 664 -17.79 9.43 29.90
C ILE A 664 -16.56 8.67 30.38
N GLN A 665 -16.29 7.53 29.76
CA GLN A 665 -15.34 6.56 30.30
C GLN A 665 -14.40 6.00 29.26
N MET A 666 -13.75 4.90 29.66
CA MET A 666 -12.56 4.37 29.03
C MET A 666 -12.45 2.90 29.42
N VAL A 667 -12.59 2.00 28.45
CA VAL A 667 -12.52 0.56 28.70
C VAL A 667 -11.13 0.07 28.29
N VAL A 668 -10.42 -0.52 29.23
CA VAL A 668 -9.04 -0.94 29.02
C VAL A 668 -8.99 -2.46 29.18
N CYS A 669 -9.06 -3.18 28.06
CA CYS A 669 -8.93 -4.63 28.07
C CYS A 669 -7.47 -5.00 27.85
N ILE A 670 -6.80 -5.46 28.92
CA ILE A 670 -5.39 -5.80 28.89
C ILE A 670 -5.27 -7.32 28.84
N ILE A 671 -4.55 -7.81 27.84
CA ILE A 671 -4.44 -9.24 27.57
C ILE A 671 -2.97 -9.62 27.50
N MET A 672 -2.56 -10.62 28.28
CA MET A 672 -1.24 -11.22 28.13
C MET A 672 -1.16 -11.97 26.80
N GLY A 673 -0.11 -11.68 26.04
CA GLY A 673 0.14 -12.39 24.80
C GLY A 673 -0.77 -11.95 23.67
N THR A 674 -0.54 -12.56 22.51
CA THR A 674 -1.29 -12.24 21.30
C THR A 674 -2.38 -13.29 21.11
N ARG A 675 -3.63 -12.90 21.37
CA ARG A 675 -4.79 -13.78 21.24
C ARG A 675 -5.88 -13.03 20.49
N ASP A 676 -6.21 -13.51 19.29
CA ASP A 676 -7.16 -12.80 18.43
C ASP A 676 -8.60 -12.99 18.88
N ASP A 677 -8.94 -14.19 19.36
CA ASP A 677 -10.32 -14.51 19.73
C ASP A 677 -10.76 -13.70 20.95
N LEU A 678 -9.85 -13.51 21.91
CA LEU A 678 -10.17 -12.78 23.13
C LEU A 678 -10.50 -11.32 22.83
N TYR A 679 -9.61 -10.61 22.13
CA TYR A 679 -9.85 -9.20 21.85
C TYR A 679 -11.00 -9.03 20.87
N GLY A 680 -11.20 -10.00 19.96
CA GLY A 680 -12.35 -9.94 19.07
C GLY A 680 -13.67 -10.03 19.83
N ALA A 681 -13.77 -10.96 20.78
CA ALA A 681 -14.97 -11.08 21.59
C ALA A 681 -15.18 -9.85 22.48
N ILE A 682 -14.09 -9.34 23.08
CA ILE A 682 -14.19 -8.17 23.96
C ILE A 682 -14.66 -6.94 23.19
N LYS A 683 -14.06 -6.68 22.03
CA LYS A 683 -14.45 -5.53 21.24
C LYS A 683 -15.83 -5.70 20.63
N LYS A 684 -16.22 -6.94 20.31
CA LYS A 684 -17.56 -7.19 19.77
C LYS A 684 -18.64 -6.90 20.81
N LEU A 685 -18.46 -7.42 22.03
CA LEU A 685 -19.41 -7.11 23.11
C LEU A 685 -19.36 -5.62 23.48
N CYS A 686 -18.15 -5.06 23.55
CA CYS A 686 -17.93 -3.73 24.07
C CYS A 686 -18.03 -2.66 23.00
N CYS A 687 -18.50 -3.00 21.80
CA CYS A 687 -18.90 -2.00 20.83
C CYS A 687 -20.18 -2.34 20.06
N VAL A 688 -20.79 -3.51 20.28
CA VAL A 688 -22.06 -3.87 19.64
C VAL A 688 -23.23 -3.76 20.62
N GLN A 689 -23.17 -4.51 21.73
CA GLN A 689 -24.37 -4.75 22.53
C GLN A 689 -24.75 -3.54 23.38
N SER A 690 -23.82 -2.62 23.59
CA SER A 690 -24.01 -1.49 24.47
C SER A 690 -23.33 -0.27 23.85
N PRO A 691 -23.78 0.96 24.18
CA PRO A 691 -23.01 2.13 23.75
C PRO A 691 -21.84 2.39 24.67
N VAL A 692 -20.64 2.02 24.20
CA VAL A 692 -19.46 1.90 25.04
C VAL A 692 -18.23 1.81 24.13
N PRO A 693 -17.14 2.48 24.45
CA PRO A 693 -15.88 2.28 23.72
C PRO A 693 -15.07 1.14 24.34
N SER A 694 -13.91 0.85 23.73
CA SER A 694 -13.03 -0.20 24.22
C SER A 694 -11.62 0.05 23.69
N GLN A 695 -10.64 -0.56 24.34
CA GLN A 695 -9.25 -0.39 23.95
C GLN A 695 -8.42 -1.58 24.39
N VAL A 696 -7.82 -2.28 23.42
CA VAL A 696 -7.02 -3.47 23.68
C VAL A 696 -5.57 -3.05 23.93
N ILE A 697 -5.02 -3.51 25.05
CA ILE A 697 -3.61 -3.32 25.39
C ILE A 697 -2.99 -4.68 25.64
N ASN A 698 -1.91 -4.98 24.93
CA ASN A 698 -1.14 -6.19 25.16
C ASN A 698 -0.05 -5.89 26.19
N VAL A 699 0.15 -6.81 27.13
CA VAL A 699 1.12 -6.61 28.20
C VAL A 699 2.54 -6.72 27.65
N ARG A 700 2.72 -7.40 26.52
CA ARG A 700 4.03 -7.51 25.88
C ARG A 700 4.56 -6.16 25.43
N THR A 701 3.67 -5.24 25.05
CA THR A 701 4.10 -3.90 24.68
C THR A 701 4.52 -3.07 25.89
N ILE A 702 3.80 -3.18 26.99
CA ILE A 702 4.07 -2.39 28.18
C ILE A 702 4.85 -3.18 29.23
N GLY A 703 5.55 -4.24 28.81
CA GLY A 703 6.20 -5.14 29.75
C GLY A 703 7.46 -4.59 30.39
N GLN A 704 7.98 -3.47 29.91
CA GLN A 704 9.19 -2.88 30.47
C GLN A 704 8.93 -1.43 30.87
N PRO A 705 9.58 -0.96 31.94
CA PRO A 705 9.45 0.46 32.31
C PRO A 705 10.18 1.41 31.37
N THR A 706 11.03 0.89 30.48
CA THR A 706 11.69 1.75 29.49
C THR A 706 10.68 2.35 28.51
N ARG A 707 9.71 1.54 28.07
CA ARG A 707 8.65 2.02 27.19
C ARG A 707 7.44 2.48 28.01
N LEU A 708 7.65 3.57 28.74
CA LEU A 708 6.59 4.21 29.51
C LEU A 708 6.31 5.64 29.09
N ARG A 709 7.35 6.46 28.94
CA ARG A 709 7.21 7.84 28.50
C ARG A 709 6.63 7.94 27.10
N SER A 710 6.97 6.98 26.22
CA SER A 710 6.49 6.99 24.86
C SER A 710 5.22 6.20 24.65
N VAL A 711 4.69 5.55 25.68
CA VAL A 711 3.53 4.67 25.52
C VAL A 711 2.33 5.18 26.32
N ALA A 712 2.59 5.81 27.47
CA ALA A 712 1.52 6.12 28.41
C ALA A 712 1.03 7.56 28.31
N GLN A 713 1.95 8.52 28.17
CA GLN A 713 1.58 9.93 28.31
C GLN A 713 1.32 10.61 26.97
N LYS A 714 2.27 10.54 26.04
CA LYS A 714 2.11 11.22 24.76
C LYS A 714 1.06 10.53 23.91
N ILE A 715 0.94 9.21 24.04
CA ILE A 715 -0.03 8.42 23.29
C ILE A 715 -0.84 7.63 24.30
N LEU A 716 -1.68 6.69 23.83
CA LEU A 716 -2.74 6.04 24.61
C LEU A 716 -3.73 7.08 25.12
N LEU A 717 -4.01 8.08 24.27
CA LEU A 717 -5.12 8.99 24.43
C LEU A 717 -6.24 8.66 23.44
N GLN A 718 -6.26 7.41 22.96
CA GLN A 718 -7.35 6.90 22.14
C GLN A 718 -8.70 7.06 22.82
N MET A 719 -8.76 6.81 24.13
CA MET A 719 -10.02 6.89 24.85
C MET A 719 -10.41 8.34 25.10
N ASN A 720 -9.44 9.21 25.37
CA ASN A 720 -9.70 10.63 25.53
C ASN A 720 -10.07 11.30 24.22
N CYS A 721 -9.67 10.72 23.10
CA CYS A 721 -10.11 11.18 21.78
C CYS A 721 -11.43 10.57 21.34
N LYS A 722 -11.75 9.36 21.80
CA LYS A 722 -12.97 8.69 21.40
C LYS A 722 -14.21 9.34 22.00
N LEU A 723 -14.07 10.09 23.09
CA LEU A 723 -15.17 10.89 23.62
C LEU A 723 -15.23 12.27 22.98
N GLY A 724 -14.39 12.57 21.99
CA GLY A 724 -14.53 13.75 21.18
C GLY A 724 -13.88 15.00 21.74
N GLY A 725 -12.57 14.96 21.98
CA GLY A 725 -11.87 16.14 22.43
C GLY A 725 -10.80 16.62 21.48
N GLU A 726 -11.03 17.76 20.82
CA GLU A 726 -10.10 18.29 19.83
C GLU A 726 -10.41 19.75 19.57
N LEU A 727 -9.35 20.52 19.28
CA LEU A 727 -9.42 21.85 18.67
C LEU A 727 -8.07 22.32 18.13
N TRP A 728 -8.05 22.76 16.87
CA TRP A 728 -7.18 23.76 16.26
C TRP A 728 -7.71 24.05 14.87
N GLY A 729 -7.54 25.29 14.43
CA GLY A 729 -8.11 25.70 13.16
C GLY A 729 -7.10 26.20 12.16
N VAL A 730 -7.40 25.99 10.88
CA VAL A 730 -6.58 26.51 9.78
C VAL A 730 -7.45 27.44 8.94
N ASP A 731 -6.89 28.59 8.57
CA ASP A 731 -7.65 29.60 7.85
C ASP A 731 -7.95 29.15 6.43
N ILE A 732 -9.20 29.39 6.00
CA ILE A 732 -9.66 29.05 4.66
C ILE A 732 -10.27 30.30 4.06
N PRO A 733 -9.77 30.78 2.91
CA PRO A 733 -10.26 32.06 2.38
C PRO A 733 -11.60 31.97 1.66
N LEU A 734 -12.14 30.77 1.44
CA LEU A 734 -13.37 30.63 0.68
C LEU A 734 -14.59 30.62 1.60
N LYS A 735 -15.76 30.64 0.97
CA LYS A 735 -17.05 30.72 1.67
C LYS A 735 -17.90 29.51 1.32
N GLN A 736 -18.52 28.92 2.35
CA GLN A 736 -19.44 27.79 2.24
C GLN A 736 -18.78 26.57 1.60
N LEU A 737 -17.73 26.07 2.26
CA LEU A 737 -16.96 24.94 1.78
C LEU A 737 -17.34 23.69 2.56
N MET A 738 -17.77 22.65 1.83
CA MET A 738 -18.07 21.34 2.41
C MET A 738 -17.08 20.34 1.85
N VAL A 739 -16.20 19.84 2.69
CA VAL A 739 -15.20 18.85 2.28
C VAL A 739 -15.56 17.52 2.94
N ILE A 740 -15.47 16.44 2.15
CA ILE A 740 -16.02 15.16 2.58
C ILE A 740 -15.14 14.01 2.09
N GLY A 741 -14.48 13.33 3.02
CA GLY A 741 -13.53 12.29 2.70
C GLY A 741 -14.06 10.87 2.65
N MET A 742 -14.77 10.53 1.57
CA MET A 742 -15.20 9.14 1.35
C MET A 742 -14.01 8.20 1.24
N ASP A 743 -14.07 7.10 1.99
CA ASP A 743 -13.07 6.06 1.87
C ASP A 743 -13.77 4.72 1.73
N VAL A 744 -13.15 3.79 1.01
CA VAL A 744 -13.68 2.45 0.86
C VAL A 744 -12.65 1.48 1.42
N TYR A 745 -13.00 0.82 2.53
CA TYR A 745 -12.17 -0.19 3.16
C TYR A 745 -12.67 -1.55 2.66
N HIS A 746 -11.86 -2.18 1.84
CA HIS A 746 -12.19 -3.46 1.23
C HIS A 746 -11.57 -4.59 2.03
N ASP A 747 -12.35 -5.64 2.28
CA ASP A 747 -11.83 -6.89 2.84
C ASP A 747 -12.32 -8.06 2.00
N PRO A 748 -11.76 -8.26 0.80
CA PRO A 748 -12.16 -9.42 -0.01
C PRO A 748 -11.31 -10.66 0.18
N SER A 749 -10.22 -10.56 0.97
CA SER A 749 -9.51 -11.77 1.39
C SER A 749 -10.38 -12.63 2.29
N ARG A 750 -11.16 -11.99 3.17
CA ARG A 750 -12.18 -12.68 3.92
C ARG A 750 -13.40 -12.96 3.04
N GLY A 751 -13.55 -12.24 1.93
CA GLY A 751 -14.63 -12.46 0.98
C GLY A 751 -16.01 -12.12 1.49
N MET A 752 -16.14 -10.97 2.14
CA MET A 752 -17.42 -10.53 2.69
C MET A 752 -17.57 -9.03 2.45
N ARG A 753 -18.58 -8.44 3.08
CA ARG A 753 -19.14 -7.15 2.70
C ARG A 753 -18.15 -6.02 2.95
N SER A 754 -17.80 -5.31 1.89
CA SER A 754 -16.89 -4.17 1.99
C SER A 754 -17.55 -3.03 2.76
N VAL A 755 -16.72 -2.12 3.27
CA VAL A 755 -17.16 -1.15 4.24
C VAL A 755 -16.82 0.25 3.75
N VAL A 756 -17.82 1.14 3.71
CA VAL A 756 -17.58 2.53 3.34
C VAL A 756 -17.43 3.36 4.60
N GLY A 757 -16.34 4.13 4.67
CA GLY A 757 -16.16 5.10 5.72
C GLY A 757 -16.54 6.48 5.22
N PHE A 758 -17.52 7.10 5.86
CA PHE A 758 -18.06 8.37 5.42
C PHE A 758 -17.81 9.43 6.47
N VAL A 759 -17.10 10.49 6.10
CA VAL A 759 -16.77 11.59 7.01
C VAL A 759 -16.94 12.88 6.23
N ALA A 760 -17.68 13.84 6.81
CA ALA A 760 -17.90 15.12 6.14
C ALA A 760 -17.77 16.26 7.14
N SER A 761 -17.45 17.45 6.62
CA SER A 761 -17.37 18.66 7.45
C SER A 761 -18.78 19.18 7.69
N ILE A 762 -19.20 19.21 8.96
CA ILE A 762 -20.58 19.54 9.28
C ILE A 762 -20.68 20.92 9.92
N ASN A 763 -19.74 21.80 9.58
CA ASN A 763 -19.70 23.14 10.15
C ASN A 763 -18.98 24.07 9.18
N LEU A 764 -18.64 25.26 9.65
CA LEU A 764 -17.97 26.27 8.83
C LEU A 764 -16.45 26.23 9.01
N THR A 765 -15.98 26.18 10.26
CA THR A 765 -14.56 26.23 10.56
C THR A 765 -13.93 24.84 10.66
N LEU A 766 -14.64 23.81 10.18
CA LEU A 766 -14.12 22.44 10.00
C LEU A 766 -13.70 21.79 11.31
N THR A 767 -14.35 22.14 12.42
CA THR A 767 -14.01 21.60 13.72
C THR A 767 -14.72 20.29 14.05
N LYS A 768 -15.85 20.02 13.39
CA LYS A 768 -16.65 18.82 13.64
C LYS A 768 -16.82 18.04 12.34
N TRP A 769 -16.88 16.72 12.46
CA TRP A 769 -16.98 15.83 11.31
C TRP A 769 -18.01 14.74 11.56
N TYR A 770 -18.57 14.22 10.47
CA TYR A 770 -19.58 13.18 10.43
C TYR A 770 -18.90 11.80 10.47
N SER A 771 -19.68 10.76 10.75
CA SER A 771 -19.18 9.39 10.72
C SER A 771 -20.28 8.46 10.24
N ARG A 772 -19.96 7.57 9.29
CA ARG A 772 -20.94 6.57 8.90
C ARG A 772 -20.25 5.34 8.31
N VAL A 773 -20.75 4.17 8.73
CA VAL A 773 -20.46 2.87 8.13
C VAL A 773 -21.79 2.25 7.73
N VAL A 774 -21.87 1.73 6.50
CA VAL A 774 -22.96 0.83 6.13
C VAL A 774 -22.34 -0.36 5.41
N PHE A 775 -22.66 -1.57 5.88
CA PHE A 775 -22.25 -2.79 5.21
C PHE A 775 -22.94 -2.92 3.86
N GLN A 776 -22.18 -3.35 2.86
CA GLN A 776 -22.73 -3.56 1.52
C GLN A 776 -23.36 -4.95 1.44
N MET A 777 -23.96 -5.25 0.29
CA MET A 777 -24.56 -6.55 0.05
C MET A 777 -23.70 -7.37 -0.91
N PRO A 778 -23.39 -8.63 -0.57
CA PRO A 778 -22.60 -9.46 -1.49
C PRO A 778 -23.37 -9.76 -2.78
N HIS A 779 -22.61 -10.00 -3.85
CA HIS A 779 -23.10 -10.14 -5.22
C HIS A 779 -23.93 -8.92 -5.65
N GLN A 780 -23.51 -7.73 -5.22
CA GLN A 780 -24.18 -6.47 -5.58
C GLN A 780 -23.09 -5.38 -5.57
N GLU A 781 -22.53 -5.11 -6.75
CA GLU A 781 -21.45 -4.15 -6.84
C GLU A 781 -21.96 -2.71 -6.73
N ILE A 782 -23.17 -2.45 -7.20
CA ILE A 782 -23.74 -1.10 -7.16
C ILE A 782 -23.98 -0.70 -5.71
N VAL A 783 -23.51 0.50 -5.35
CA VAL A 783 -23.52 0.95 -3.96
C VAL A 783 -24.95 1.40 -3.60
N ASP A 784 -25.55 0.70 -2.65
CA ASP A 784 -26.84 1.08 -2.09
C ASP A 784 -26.69 1.94 -0.85
N SER A 785 -25.46 2.26 -0.46
CA SER A 785 -25.16 2.90 0.81
C SER A 785 -24.95 4.40 0.69
N LEU A 786 -24.26 4.84 -0.36
CA LEU A 786 -23.68 6.17 -0.42
C LEU A 786 -24.74 7.26 -0.50
N LYS A 787 -25.90 6.94 -1.07
CA LYS A 787 -27.03 7.86 -1.00
C LYS A 787 -27.50 8.05 0.44
N LEU A 788 -27.59 6.94 1.19
CA LEU A 788 -27.98 7.04 2.60
C LEU A 788 -26.90 7.73 3.43
N CYS A 789 -25.64 7.50 3.10
CA CYS A 789 -24.53 8.17 3.80
C CYS A 789 -24.54 9.67 3.55
N LEU A 790 -24.76 10.10 2.30
CA LEU A 790 -24.87 11.52 2.01
C LEU A 790 -26.12 12.13 2.63
N VAL A 791 -27.21 11.35 2.72
CA VAL A 791 -28.42 11.82 3.39
C VAL A 791 -28.15 12.06 4.87
N GLY A 792 -27.44 11.14 5.52
CA GLY A 792 -27.10 11.32 6.92
C GLY A 792 -26.15 12.49 7.16
N SER A 793 -25.15 12.64 6.28
CA SER A 793 -24.22 13.75 6.39
C SER A 793 -24.91 15.11 6.19
N LEU A 794 -25.82 15.18 5.21
CA LEU A 794 -26.55 16.43 4.98
C LEU A 794 -27.55 16.70 6.09
N LYS A 795 -28.14 15.67 6.68
CA LYS A 795 -29.03 15.87 7.82
C LYS A 795 -28.27 16.39 9.04
N LYS A 796 -27.05 15.87 9.28
CA LYS A 796 -26.24 16.39 10.37
C LYS A 796 -25.78 17.82 10.09
N TYR A 797 -25.48 18.13 8.83
CA TYR A 797 -25.10 19.50 8.47
C TYR A 797 -26.25 20.47 8.66
N TYR A 798 -27.48 20.07 8.28
CA TYR A 798 -28.63 20.93 8.48
C TYR A 798 -29.07 20.98 9.94
N GLU A 799 -28.69 19.99 10.75
CA GLU A 799 -28.95 20.08 12.17
C GLU A 799 -27.96 20.97 12.89
N VAL A 800 -26.70 21.00 12.44
CA VAL A 800 -25.67 21.76 13.14
C VAL A 800 -25.62 23.19 12.61
N ASN A 801 -25.30 23.36 11.32
CA ASN A 801 -25.09 24.69 10.76
C ASN A 801 -26.37 25.33 10.23
N HIS A 802 -27.47 24.57 10.15
CA HIS A 802 -28.79 25.03 9.71
C HIS A 802 -28.76 25.65 8.31
N CYS A 803 -27.93 25.11 7.42
CA CYS A 803 -27.77 25.66 6.09
C CYS A 803 -27.35 24.55 5.14
N LEU A 804 -27.22 24.91 3.86
CA LEU A 804 -26.80 24.03 2.78
C LEU A 804 -25.54 24.57 2.12
N PRO A 805 -24.61 23.72 1.72
CA PRO A 805 -23.34 24.21 1.18
C PRO A 805 -23.47 24.69 -0.25
N GLU A 806 -22.38 25.30 -0.72
CA GLU A 806 -22.30 25.77 -2.10
C GLU A 806 -21.36 24.94 -2.96
N LYS A 807 -20.24 24.45 -2.39
CA LYS A 807 -19.31 23.60 -3.11
C LYS A 807 -19.03 22.36 -2.29
N ILE A 808 -18.76 21.25 -2.97
CA ILE A 808 -18.49 19.96 -2.35
C ILE A 808 -17.17 19.44 -2.87
N VAL A 809 -16.24 19.13 -1.96
CA VAL A 809 -14.94 18.56 -2.29
C VAL A 809 -14.87 17.16 -1.72
N VAL A 810 -14.78 16.16 -2.61
CA VAL A 810 -14.79 14.75 -2.22
C VAL A 810 -13.40 14.18 -2.43
N TYR A 811 -12.88 13.48 -1.41
CA TYR A 811 -11.57 12.86 -1.49
C TYR A 811 -11.79 11.34 -1.44
N ARG A 812 -12.09 10.76 -2.60
CA ARG A 812 -12.28 9.32 -2.74
C ARG A 812 -10.93 8.61 -2.58
N ASP A 813 -10.97 7.38 -2.07
CA ASP A 813 -9.77 6.58 -1.84
C ASP A 813 -9.85 5.26 -2.59
N GLY A 814 -8.67 4.71 -2.88
CA GLY A 814 -8.50 3.31 -3.19
C GLY A 814 -9.03 2.82 -4.53
N VAL A 815 -8.55 3.40 -5.63
CA VAL A 815 -8.81 2.87 -6.96
C VAL A 815 -7.49 2.82 -7.73
N SER A 816 -7.39 1.85 -8.63
CA SER A 816 -6.25 1.77 -9.52
C SER A 816 -6.34 2.86 -10.58
N ASP A 817 -5.24 3.02 -11.34
CA ASP A 817 -5.19 4.05 -12.37
C ASP A 817 -6.16 3.76 -13.51
N GLY A 818 -6.44 2.50 -13.77
CA GLY A 818 -7.44 2.13 -14.75
C GLY A 818 -8.86 2.14 -14.25
N GLN A 819 -9.07 2.45 -12.97
CA GLN A 819 -10.38 2.43 -12.37
C GLN A 819 -11.03 3.81 -12.28
N LEU A 820 -10.23 4.89 -12.45
CA LEU A 820 -10.75 6.25 -12.36
C LEU A 820 -11.83 6.54 -13.39
N LYS A 821 -11.75 5.88 -14.55
CA LYS A 821 -12.78 6.00 -15.58
C LYS A 821 -14.13 5.56 -15.04
N THR A 822 -14.14 4.44 -14.28
CA THR A 822 -15.34 4.03 -13.55
C THR A 822 -15.77 5.12 -12.58
N VAL A 823 -14.81 5.67 -11.83
CA VAL A 823 -15.12 6.76 -10.92
C VAL A 823 -15.45 8.03 -11.70
N ALA A 824 -14.99 8.12 -12.97
CA ALA A 824 -15.43 9.24 -13.79
C ALA A 824 -16.85 9.06 -14.31
N ASN A 825 -17.35 7.83 -14.39
CA ASN A 825 -18.58 7.60 -15.13
C ASN A 825 -19.61 6.71 -14.43
N TYR A 826 -19.21 5.84 -13.50
CA TYR A 826 -20.14 4.88 -12.93
C TYR A 826 -20.52 5.18 -11.49
N GLU A 827 -19.79 6.05 -10.80
CA GLU A 827 -20.10 6.38 -9.41
C GLU A 827 -20.42 7.85 -9.20
N ILE A 828 -19.57 8.75 -9.67
CA ILE A 828 -19.74 10.19 -9.46
C ILE A 828 -20.93 10.74 -10.26
N PRO A 829 -21.25 10.26 -11.49
CA PRO A 829 -22.59 10.58 -12.03
C PRO A 829 -23.75 10.12 -11.17
N GLN A 830 -23.61 8.99 -10.47
CA GLN A 830 -24.65 8.60 -9.52
C GLN A 830 -24.66 9.52 -8.30
N LEU A 831 -23.51 10.10 -7.94
CA LEU A 831 -23.50 11.12 -6.88
C LEU A 831 -24.24 12.38 -7.31
N GLN A 832 -24.05 12.80 -8.57
CA GLN A 832 -24.79 13.96 -9.09
C GLN A 832 -26.29 13.68 -9.17
N LYS A 833 -26.67 12.47 -9.57
CA LYS A 833 -28.09 12.13 -9.61
C LYS A 833 -28.65 11.73 -8.25
N CYS A 834 -27.81 11.60 -7.23
CA CYS A 834 -28.27 11.32 -5.87
C CYS A 834 -28.97 12.51 -5.23
N PHE A 835 -28.73 13.73 -5.72
CA PHE A 835 -29.22 14.95 -5.09
C PHE A 835 -30.69 15.26 -5.42
N GLU A 836 -31.46 14.27 -5.87
CA GLU A 836 -32.88 14.46 -6.12
C GLU A 836 -33.70 14.56 -4.83
N ALA A 837 -33.13 14.16 -3.70
CA ALA A 837 -33.87 14.13 -2.44
C ALA A 837 -34.14 15.52 -1.88
N PHE A 838 -33.46 16.55 -2.35
CA PHE A 838 -33.67 17.92 -1.91
C PHE A 838 -33.96 18.77 -3.14
N ASP A 839 -35.01 19.60 -3.06
CA ASP A 839 -35.41 20.43 -4.19
C ASP A 839 -34.40 21.53 -4.46
N ASN A 840 -34.23 21.84 -5.76
CA ASN A 840 -33.31 22.80 -6.38
C ASN A 840 -31.93 22.87 -5.72
N TYR A 841 -31.34 21.71 -5.44
CA TYR A 841 -30.06 21.61 -4.74
C TYR A 841 -29.19 20.75 -5.66
N HIS A 842 -28.56 21.38 -6.65
CA HIS A 842 -27.61 20.70 -7.54
C HIS A 842 -26.41 21.61 -7.76
N PRO A 843 -25.53 21.73 -6.77
CA PRO A 843 -24.41 22.67 -6.88
C PRO A 843 -23.16 22.03 -7.48
N LYS A 844 -22.07 22.80 -7.52
CA LYS A 844 -20.82 22.32 -8.08
C LYS A 844 -20.14 21.33 -7.13
N MET A 845 -19.47 20.32 -7.71
CA MET A 845 -18.78 19.30 -6.96
C MET A 845 -17.34 19.17 -7.45
N VAL A 846 -16.45 18.76 -6.55
CA VAL A 846 -15.05 18.53 -6.85
C VAL A 846 -14.66 17.17 -6.30
N VAL A 847 -14.07 16.32 -7.14
CA VAL A 847 -13.75 14.94 -6.78
C VAL A 847 -12.25 14.74 -6.89
N PHE A 848 -11.66 14.12 -5.86
CA PHE A 848 -10.24 13.77 -5.86
C PHE A 848 -10.05 12.31 -5.50
N VAL A 849 -8.92 11.76 -5.92
CA VAL A 849 -8.53 10.38 -5.61
C VAL A 849 -7.15 10.42 -4.96
N VAL A 850 -7.03 9.80 -3.78
CA VAL A 850 -5.78 9.81 -3.03
C VAL A 850 -5.05 8.51 -3.29
N GLN A 851 -3.72 8.57 -3.33
CA GLN A 851 -2.92 7.37 -3.54
C GLN A 851 -1.72 7.36 -2.60
N LYS A 852 -1.44 6.18 -2.04
CA LYS A 852 -0.41 5.98 -1.04
C LYS A 852 0.78 5.18 -1.55
N LYS A 853 0.55 3.96 -2.05
CA LYS A 853 1.64 3.07 -2.45
C LYS A 853 2.20 3.55 -3.79
N ILE A 854 3.12 4.51 -3.69
CA ILE A 854 3.69 5.18 -4.86
C ILE A 854 5.16 4.78 -4.96
N SER A 855 5.70 4.84 -6.18
CA SER A 855 7.07 4.44 -6.45
C SER A 855 7.96 5.59 -6.91
N THR A 856 7.49 6.83 -6.77
CA THR A 856 8.27 8.00 -7.16
C THR A 856 9.01 8.53 -5.93
N ASN A 857 10.30 8.79 -6.08
CA ASN A 857 11.12 9.27 -4.98
C ASN A 857 11.42 10.77 -5.15
N LEU A 858 11.61 11.44 -4.02
CA LEU A 858 11.85 12.88 -3.97
C LEU A 858 13.12 13.15 -3.18
N TYR A 859 14.06 13.90 -3.78
CA TYR A 859 15.28 14.34 -3.10
C TYR A 859 15.50 15.80 -3.44
N LEU A 860 15.73 16.65 -2.44
CA LEU A 860 16.25 17.98 -2.76
C LEU A 860 17.70 17.91 -3.18
N ALA A 861 18.02 18.71 -4.20
CA ALA A 861 19.34 18.74 -4.81
C ALA A 861 20.14 19.91 -4.23
N ALA A 862 20.61 19.73 -2.99
CA ALA A 862 21.56 20.67 -2.45
C ALA A 862 22.88 20.55 -3.21
N PRO A 863 23.61 21.66 -3.39
CA PRO A 863 24.81 21.63 -4.26
C PRO A 863 25.94 20.70 -3.77
N ASP A 864 25.84 20.13 -2.57
CA ASP A 864 26.70 19.05 -2.14
C ASP A 864 26.01 17.68 -2.27
N HIS A 865 24.74 17.56 -1.89
CA HIS A 865 24.16 16.21 -1.81
C HIS A 865 22.63 16.30 -1.92
N PHE A 866 21.98 15.14 -1.80
CA PHE A 866 20.53 15.01 -1.97
C PHE A 866 19.90 14.66 -0.63
N VAL A 867 18.89 15.44 -0.22
CA VAL A 867 18.18 15.22 1.05
C VAL A 867 16.68 15.41 0.83
N THR A 868 15.89 14.40 1.19
CA THR A 868 14.43 14.52 1.11
C THR A 868 13.92 15.45 2.21
N PRO A 869 13.10 16.45 1.88
CA PRO A 869 12.73 17.48 2.86
C PRO A 869 11.57 17.06 3.76
N SER A 870 11.15 18.02 4.58
CA SER A 870 9.91 17.92 5.34
C SER A 870 8.71 18.04 4.39
N PRO A 871 7.52 17.58 4.82
CA PRO A 871 6.32 17.72 3.98
C PRO A 871 5.98 19.18 3.67
N GLY A 872 5.42 19.40 2.50
CA GLY A 872 4.98 20.72 2.09
C GLY A 872 5.17 21.05 0.63
N THR A 873 5.91 20.23 -0.10
CA THR A 873 6.27 20.58 -1.47
C THR A 873 5.17 20.16 -2.46
N VAL A 874 5.22 20.77 -3.64
CA VAL A 874 4.26 20.53 -4.73
C VAL A 874 5.04 20.11 -5.95
N VAL A 875 4.71 18.95 -6.52
CA VAL A 875 5.29 18.52 -7.79
C VAL A 875 4.12 18.25 -8.74
N ASP A 876 4.07 18.99 -9.85
CA ASP A 876 2.91 18.94 -10.73
C ASP A 876 3.23 18.83 -12.21
N HIS A 877 4.49 18.72 -12.60
CA HIS A 877 4.87 18.54 -13.99
C HIS A 877 5.84 17.38 -14.12
N THR A 878 5.75 16.67 -15.25
CA THR A 878 6.63 15.59 -15.68
C THR A 878 6.67 14.41 -14.71
N ILE A 879 5.65 14.24 -13.87
CA ILE A 879 5.55 13.06 -13.02
C ILE A 879 4.10 12.55 -13.04
N THR A 880 3.19 13.34 -13.60
CA THR A 880 1.76 13.11 -13.46
C THR A 880 1.22 12.01 -14.37
N SER A 881 -0.09 11.93 -14.51
CA SER A 881 -0.75 11.04 -15.45
C SER A 881 -1.05 11.79 -16.74
N CYS A 882 -1.09 11.05 -17.85
CA CYS A 882 -1.18 11.66 -19.16
C CYS A 882 -2.56 12.21 -19.47
N GLU A 883 -3.61 11.70 -18.82
CA GLU A 883 -4.98 12.08 -19.15
C GLU A 883 -5.60 13.02 -18.12
N TRP A 884 -5.56 12.66 -16.83
CA TRP A 884 -6.24 13.42 -15.79
C TRP A 884 -5.33 14.55 -15.30
N VAL A 885 -5.76 15.26 -14.26
CA VAL A 885 -4.96 16.30 -13.63
C VAL A 885 -4.51 15.76 -12.29
N ASP A 886 -3.20 15.60 -12.15
CA ASP A 886 -2.57 15.06 -10.95
C ASP A 886 -1.69 16.11 -10.29
N PHE A 887 -1.35 15.83 -9.03
CA PHE A 887 -0.20 16.45 -8.37
C PHE A 887 0.29 15.56 -7.25
N TYR A 888 1.50 15.85 -6.79
CA TYR A 888 2.19 15.06 -5.78
C TYR A 888 2.58 15.99 -4.64
N LEU A 889 2.14 15.65 -3.42
CA LEU A 889 2.48 16.40 -2.22
C LEU A 889 3.19 15.47 -1.27
N LEU A 890 4.45 15.79 -0.94
CA LEU A 890 5.22 14.96 -0.03
C LEU A 890 4.64 15.05 1.37
N ALA A 891 4.53 13.90 2.03
CA ALA A 891 3.86 13.82 3.31
C ALA A 891 4.60 13.02 4.37
N HIS A 892 5.63 12.26 4.00
CA HIS A 892 6.54 11.64 4.97
C HIS A 892 7.31 12.72 5.72
N HIS A 893 7.16 12.75 7.04
CA HIS A 893 8.04 13.54 7.89
C HIS A 893 9.34 12.77 8.04
N VAL A 894 10.32 13.10 7.21
CA VAL A 894 11.47 12.22 6.96
C VAL A 894 12.46 12.36 8.11
N ARG A 895 12.54 11.30 8.93
CA ARG A 895 13.67 11.12 9.83
C ARG A 895 14.72 10.19 9.24
N GLN A 896 14.29 9.25 8.39
CA GLN A 896 15.19 8.42 7.61
C GLN A 896 14.41 7.90 6.40
N GLY A 897 15.16 7.41 5.41
CA GLY A 897 14.56 6.90 4.21
C GLY A 897 14.21 7.99 3.21
N CYS A 898 13.58 7.56 2.12
CA CYS A 898 13.16 8.47 1.07
C CYS A 898 11.65 8.69 1.15
N GLY A 899 11.25 9.96 1.16
CA GLY A 899 9.87 10.32 1.40
C GLY A 899 8.97 10.15 0.19
N ILE A 900 8.07 9.19 0.26
CA ILE A 900 7.12 8.99 -0.85
C ILE A 900 6.09 10.10 -0.83
N PRO A 901 5.80 10.73 -1.97
CA PRO A 901 4.77 11.76 -2.00
C PRO A 901 3.40 11.19 -2.31
N THR A 902 2.41 11.73 -1.62
CA THR A 902 1.02 11.35 -1.84
C THR A 902 0.55 11.88 -3.19
N HIS A 903 -0.18 11.02 -3.92
CA HIS A 903 -0.61 11.28 -5.29
C HIS A 903 -2.09 11.65 -5.27
N TYR A 904 -2.42 12.87 -5.66
CA TYR A 904 -3.79 13.35 -5.69
C TYR A 904 -4.20 13.57 -7.14
N ILE A 905 -5.23 12.86 -7.58
CA ILE A 905 -5.75 12.96 -8.93
C ILE A 905 -7.18 13.49 -8.85
N CYS A 906 -7.48 14.50 -9.66
CA CYS A 906 -8.83 15.03 -9.71
C CYS A 906 -9.61 14.33 -10.82
N VAL A 907 -10.93 14.28 -10.66
CA VAL A 907 -11.84 13.70 -11.64
C VAL A 907 -12.79 14.76 -12.20
N LEU A 908 -13.51 15.45 -11.33
CA LEU A 908 -14.41 16.52 -11.73
C LEU A 908 -14.02 17.76 -10.95
N ASN A 909 -13.77 18.86 -11.66
CA ASN A 909 -13.25 20.11 -11.10
C ASN A 909 -14.00 21.30 -11.65
N THR A 910 -15.33 21.26 -11.62
CA THR A 910 -16.16 22.32 -12.20
C THR A 910 -16.23 23.59 -11.35
N ALA A 911 -15.60 23.60 -10.17
CA ALA A 911 -15.62 24.78 -9.32
C ALA A 911 -14.55 25.80 -9.68
N ASN A 912 -13.89 25.64 -10.84
CA ASN A 912 -12.89 26.58 -11.38
C ASN A 912 -11.73 26.79 -10.40
N LEU A 913 -11.28 25.72 -9.77
CA LEU A 913 -10.19 25.79 -8.81
C LEU A 913 -8.86 25.87 -9.55
N SER A 914 -8.06 26.89 -9.23
CA SER A 914 -6.69 26.96 -9.72
C SER A 914 -5.85 25.88 -9.03
N PRO A 915 -4.76 25.43 -9.68
CA PRO A 915 -3.96 24.33 -9.09
C PRO A 915 -3.38 24.63 -7.71
N ASP A 916 -2.89 25.85 -7.49
CA ASP A 916 -2.36 26.19 -6.18
C ASP A 916 -3.47 26.24 -5.13
N HIS A 917 -4.69 26.59 -5.54
CA HIS A 917 -5.82 26.61 -4.61
C HIS A 917 -6.15 25.21 -4.09
N MET A 918 -6.26 24.23 -4.99
CA MET A 918 -6.61 22.90 -4.52
C MET A 918 -5.43 22.21 -3.86
N GLN A 919 -4.20 22.57 -4.24
CA GLN A 919 -3.03 22.02 -3.53
C GLN A 919 -2.95 22.56 -2.10
N ARG A 920 -3.14 23.86 -1.91
CA ARG A 920 -3.11 24.41 -0.56
C ARG A 920 -4.34 23.99 0.25
N LEU A 921 -5.48 23.73 -0.42
CA LEU A 921 -6.65 23.21 0.28
C LEU A 921 -6.41 21.78 0.74
N THR A 922 -5.69 21.00 -0.08
CA THR A 922 -5.34 19.63 0.31
C THR A 922 -4.36 19.63 1.48
N PHE A 923 -3.38 20.54 1.49
CA PHE A 923 -2.48 20.62 2.64
C PHE A 923 -3.20 21.14 3.89
N LYS A 924 -4.14 22.06 3.71
CA LYS A 924 -4.97 22.52 4.82
C LYS A 924 -5.79 21.38 5.40
N LEU A 925 -6.31 20.52 4.53
CA LEU A 925 -7.01 19.33 4.99
C LEU A 925 -6.07 18.33 5.64
N CYS A 926 -4.80 18.32 5.22
CA CYS A 926 -3.79 17.51 5.90
C CYS A 926 -3.45 18.05 7.27
N HIS A 927 -3.72 19.33 7.53
CA HIS A 927 -3.32 19.98 8.78
C HIS A 927 -4.27 19.75 9.95
N MET A 928 -5.40 19.05 9.78
CA MET A 928 -6.48 19.10 10.76
C MET A 928 -6.88 17.72 11.27
N TYR A 929 -5.91 16.93 11.73
CA TYR A 929 -6.19 15.64 12.36
C TYR A 929 -5.59 15.64 13.76
N TRP A 930 -6.44 15.37 14.76
CA TRP A 930 -6.05 15.41 16.17
C TRP A 930 -5.42 14.07 16.56
N ASN A 931 -4.20 13.86 16.05
CA ASN A 931 -3.42 12.71 16.51
C ASN A 931 -1.91 12.93 16.57
N TRP A 932 -1.40 14.11 16.28
CA TRP A 932 0.01 14.19 15.96
C TRP A 932 0.56 15.57 16.27
N PRO A 933 1.88 15.71 16.35
CA PRO A 933 2.52 17.02 16.16
C PRO A 933 3.03 17.24 14.74
N GLY A 934 3.07 16.20 13.92
CA GLY A 934 3.58 16.30 12.57
C GLY A 934 2.61 15.74 11.54
N THR A 935 2.69 16.26 10.32
CA THR A 935 1.67 16.07 9.28
C THR A 935 1.53 14.59 8.88
N ILE A 936 0.49 14.32 8.10
CA ILE A 936 0.01 12.96 7.86
C ILE A 936 0.16 12.61 6.37
N ARG A 937 0.12 11.31 6.10
CA ARG A 937 0.28 10.80 4.73
C ARG A 937 -0.88 11.23 3.85
N VAL A 938 -2.11 10.96 4.28
CA VAL A 938 -3.31 11.28 3.53
C VAL A 938 -4.01 12.34 4.38
N PRO A 939 -4.80 13.25 3.82
CA PRO A 939 -5.49 14.25 4.65
C PRO A 939 -6.47 13.63 5.65
N ALA A 940 -6.94 14.51 6.55
CA ALA A 940 -7.59 14.09 7.79
C ALA A 940 -8.87 13.26 7.62
N PRO A 941 -9.86 13.62 6.78
CA PRO A 941 -11.05 12.73 6.68
C PRO A 941 -10.76 11.36 6.11
N CYS A 942 -9.72 11.23 5.29
CA CYS A 942 -9.37 9.93 4.75
C CYS A 942 -8.63 9.04 5.75
N LYS A 943 -8.19 9.60 6.87
CA LYS A 943 -7.72 8.80 8.00
C LYS A 943 -8.80 8.59 9.06
N TYR A 944 -9.70 9.56 9.22
CA TYR A 944 -10.90 9.37 10.05
C TYR A 944 -11.72 8.18 9.54
N ALA A 945 -12.05 8.21 8.24
CA ALA A 945 -12.84 7.17 7.63
C ALA A 945 -12.08 5.85 7.58
N HIS A 946 -10.75 5.92 7.46
CA HIS A 946 -9.92 4.73 7.54
C HIS A 946 -10.05 4.05 8.90
N LYS A 947 -9.91 4.83 9.97
CA LYS A 947 -9.96 4.25 11.32
C LYS A 947 -11.34 3.69 11.64
N LEU A 948 -12.40 4.47 11.36
CA LEU A 948 -13.74 4.00 11.67
C LEU A 948 -14.17 2.84 10.77
N ALA A 949 -13.76 2.86 9.50
CA ALA A 949 -14.10 1.77 8.60
C ALA A 949 -13.37 0.48 8.94
N PHE A 950 -12.08 0.58 9.30
CA PHE A 950 -11.32 -0.60 9.69
C PHE A 950 -11.86 -1.20 10.99
N LEU A 951 -12.18 -0.33 11.96
CA LEU A 951 -12.78 -0.78 13.22
C LEU A 951 -14.13 -1.43 12.99
N SER A 952 -14.99 -0.81 12.19
CA SER A 952 -16.35 -1.31 12.01
C SER A 952 -16.47 -2.38 10.94
N GLY A 953 -15.39 -2.73 10.25
CA GLY A 953 -15.45 -3.82 9.31
C GLY A 953 -14.70 -5.06 9.76
N GLN A 954 -13.61 -4.88 10.52
CA GLN A 954 -12.76 -6.01 10.83
C GLN A 954 -12.92 -6.56 12.24
N ILE A 955 -13.49 -5.79 13.18
CA ILE A 955 -13.44 -6.21 14.58
C ILE A 955 -14.82 -6.58 15.11
N LEU A 956 -15.74 -5.62 15.18
CA LEU A 956 -17.09 -5.92 15.65
C LEU A 956 -18.05 -6.37 14.55
N HIS A 957 -17.71 -6.10 13.28
CA HIS A 957 -18.57 -6.38 12.11
C HIS A 957 -19.96 -5.77 12.27
N HIS A 958 -20.03 -4.50 12.69
CA HIS A 958 -21.32 -3.86 12.91
C HIS A 958 -21.18 -2.36 12.75
N GLU A 959 -22.31 -1.70 12.53
CA GLU A 959 -22.37 -0.25 12.49
C GLU A 959 -22.04 0.33 13.86
N PRO A 960 -21.42 1.51 13.93
CA PRO A 960 -21.24 2.19 15.21
C PRO A 960 -22.58 2.61 15.81
N ALA A 961 -22.60 2.75 17.12
CA ALA A 961 -23.80 3.14 17.83
C ALA A 961 -24.16 4.58 17.54
N ILE A 962 -25.47 4.86 17.42
CA ILE A 962 -25.97 6.20 17.18
C ILE A 962 -25.72 7.09 18.40
N GLN A 963 -25.77 6.50 19.60
CA GLN A 963 -25.65 7.26 20.85
C GLN A 963 -24.24 7.79 21.10
N LEU A 964 -23.25 7.42 20.30
CA LEU A 964 -21.91 7.99 20.40
C LEU A 964 -21.61 9.02 19.33
N CYS A 965 -22.57 9.34 18.46
CA CYS A 965 -22.29 10.07 17.22
C CYS A 965 -21.92 11.53 17.46
N GLY A 966 -22.16 12.08 18.65
CA GLY A 966 -21.73 13.42 18.95
C GLY A 966 -20.25 13.57 19.21
N ASN A 967 -19.54 12.45 19.34
CA ASN A 967 -18.10 12.44 19.56
C ASN A 967 -17.38 12.16 18.23
N LEU A 968 -16.08 12.43 18.23
CA LEU A 968 -15.23 12.14 17.08
C LEU A 968 -14.41 10.90 17.44
N PHE A 969 -15.02 9.73 17.23
CA PHE A 969 -14.42 8.49 17.68
C PHE A 969 -13.40 7.94 16.67
N PHE A 970 -13.19 8.63 15.57
CA PHE A 970 -12.29 8.18 14.50
C PHE A 970 -10.86 8.68 14.69
N LEU A 971 -10.30 8.55 15.89
CA LEU A 971 -9.01 9.17 16.13
C LEU A 971 -8.02 8.16 16.69
N1 OMC B 26 -25.55 -14.28 -38.87
C2 OMC B 26 -25.18 -15.52 -38.30
N3 OMC B 26 -24.19 -15.53 -37.39
C4 OMC B 26 -23.57 -14.43 -37.03
C5 OMC B 26 -23.92 -13.16 -37.57
C6 OMC B 26 -24.90 -13.15 -38.48
O2 OMC B 26 -25.74 -16.57 -38.63
N4 OMC B 26 -22.59 -14.52 -36.12
C1' OMC B 26 -26.62 -14.08 -39.87
C2' OMC B 26 -26.29 -14.65 -41.26
O2' OMC B 26 -25.50 -13.77 -42.02
CM2 OMC B 26 -24.98 -14.35 -43.19
C3' OMC B 26 -27.69 -14.89 -41.82
C4' OMC B 26 -28.47 -15.34 -40.58
O4' OMC B 26 -27.78 -14.75 -39.44
O3' OMC B 26 -28.23 -13.67 -42.31
C5' OMC B 26 -28.56 -16.84 -40.38
O5' OMC B 26 -29.71 -17.21 -39.65
P OMC B 26 -29.59 -17.59 -38.10
OP1 OMC B 26 -30.78 -18.50 -37.77
OP2 OMC B 26 -28.18 -18.07 -37.83
MG MG D . -8.06 3.63 2.67
#